data_5ZH3
#
_entry.id   5ZH3
#
_cell.length_a   53.440
_cell.length_b   130.770
_cell.length_c   174.700
_cell.angle_alpha   90.000
_cell.angle_beta   90.000
_cell.angle_gamma   90.000
#
_symmetry.space_group_name_H-M   'P 21 21 21'
#
loop_
_entity.id
_entity.type
_entity.pdbx_description
1 polymer 'Lysine-tRNA ligase'
2 non-polymer LYSINE
3 non-polymer (3S)-6,8-dihydroxy-3-{[(2R,6R)-6-methyloxan-2-yl]methyl}-3,4-dihydro-1H-2-benzopyran-1-one
#
_entity_poly.entity_id   1
_entity_poly.type   'polypeptide(L)'
_entity_poly.pdbx_seq_one_letter_code
;EVDPRLYFENRSKFIQDQKDKGINPYPHKFERTISIPEFIEKYKDLGNGEHLEDTILNITGRIMRVSASGQKLRFFDLVG
DGEKIQVLANYSFHNHEKGNFAECYDKIRRGDIVGIVGFPGKSKKGELSIFPKETILLSACLHMLPMKYGLKDTEIRYRQ
RYLDLLINESSRHTFVTRTKIINFLRNFLNERGFFEVETPMMNLIAGGANARPFITHHNDLDLDLYLRIATELPLKMLIV
GGIDKVYEIGKVFRNEGIDNTHNPEFTSCEFYWAYADYNDLIKWSEDFFSQLVYHLFGTYKISYNKDGPENQPIEIDFTP
PYPKVSIVEEIEKVTNTILEQPFDSNETIEKMINIIKEHKIELPNPPTAAKLLDQLASHFIENKYNDKPFFIVEHPQIMS
PLAKYHRTKPGLTERLEMFICGKEVLNAYTELNDPFKQKECFKLQQKDREKGDTEAAQLDSAFCTSLEYGLPPTGGLGLG
IDRITMFLTNKNSIKDVILFPTMRPAN
;
_entity_poly.pdbx_strand_id   A,B
#
loop_
_chem_comp.id
_chem_comp.type
_chem_comp.name
_chem_comp.formula
9CF non-polymer (3S)-6,8-dihydroxy-3-{[(2R,6R)-6-methyloxan-2-yl]methyl}-3,4-dihydro-1H-2-benzopyran-1-one 'C16 H20 O5'
#
# COMPACT_ATOMS: atom_id res chain seq x y z
N PRO A 4 26.97 -25.62 19.39
CA PRO A 4 26.56 -25.50 17.99
C PRO A 4 25.23 -26.20 17.78
N ARG A 5 25.22 -27.31 17.04
CA ARG A 5 24.05 -28.11 16.78
C ARG A 5 23.51 -28.73 18.06
N LEU A 6 24.43 -29.11 18.95
CA LEU A 6 24.10 -29.74 20.21
C LEU A 6 23.21 -28.90 21.11
N TYR A 7 23.41 -27.58 21.10
CA TYR A 7 22.58 -26.71 21.90
C TYR A 7 21.15 -26.97 21.49
N PHE A 8 20.96 -27.06 20.19
CA PHE A 8 19.66 -27.35 19.67
C PHE A 8 19.14 -28.68 20.17
N GLU A 9 19.95 -29.70 19.96
CA GLU A 9 19.54 -31.09 20.25
C GLU A 9 19.10 -31.24 21.70
N ASN A 10 19.84 -30.57 22.57
CA ASN A 10 19.51 -30.54 23.97
C ASN A 10 18.16 -29.87 24.21
N ARG A 11 17.96 -28.68 23.65
CA ARG A 11 16.71 -27.95 23.79
C ARG A 11 15.54 -28.66 23.12
N SER A 12 15.80 -29.31 21.99
CA SER A 12 14.81 -30.17 21.35
C SER A 12 14.31 -31.24 22.32
N LYS A 13 15.24 -31.84 23.05
CA LYS A 13 14.92 -32.88 24.03
C LYS A 13 14.21 -32.29 25.26
N PHE A 14 14.75 -31.18 25.79
CA PHE A 14 14.12 -30.48 26.91
C PHE A 14 12.64 -30.18 26.64
N ILE A 15 12.31 -29.94 25.38
CA ILE A 15 10.90 -29.80 24.99
C ILE A 15 10.18 -31.14 25.14
N GLN A 16 10.71 -32.19 24.50
CA GLN A 16 10.05 -33.51 24.52
C GLN A 16 9.86 -34.04 25.94
N ASP A 17 10.85 -33.79 26.81
CA ASP A 17 10.79 -34.10 28.24
C ASP A 17 9.65 -33.35 28.95
N GLN A 18 9.57 -32.04 28.71
CA GLN A 18 8.53 -31.21 29.31
C GLN A 18 7.13 -31.64 28.84
N LYS A 19 7.04 -32.05 27.57
CA LYS A 19 5.78 -32.55 27.01
C LYS A 19 5.40 -33.87 27.65
N ASP A 20 6.42 -34.72 27.80
CA ASP A 20 6.35 -36.04 28.38
C ASP A 20 5.95 -35.95 29.83
N LYS A 21 6.42 -34.91 30.50
CA LYS A 21 6.17 -34.69 31.93
C LYS A 21 4.83 -34.09 32.28
N GLY A 22 3.97 -33.85 31.28
CA GLY A 22 2.66 -33.31 31.53
C GLY A 22 2.59 -31.81 31.49
N ILE A 23 3.68 -31.18 31.07
CA ILE A 23 3.69 -29.74 31.00
C ILE A 23 3.72 -29.29 29.55
N ASN A 24 2.87 -28.32 29.23
CA ASN A 24 2.84 -27.76 27.87
C ASN A 24 3.79 -26.56 27.71
N PRO A 25 4.90 -26.76 26.95
CA PRO A 25 5.93 -25.72 26.81
C PRO A 25 5.53 -24.64 25.80
N TYR A 26 4.49 -24.90 25.03
CA TYR A 26 3.87 -23.94 24.13
C TYR A 26 2.36 -23.86 24.43
N PRO A 27 1.99 -23.13 25.50
CA PRO A 27 0.57 -23.02 25.89
C PRO A 27 -0.21 -22.11 24.95
N HIS A 28 -1.53 -22.28 24.91
CA HIS A 28 -2.39 -21.53 23.99
C HIS A 28 -2.45 -20.04 24.27
N LYS A 29 -2.80 -19.67 25.50
CA LYS A 29 -2.90 -18.24 25.86
C LYS A 29 -2.25 -17.93 27.18
N PHE A 30 -1.80 -16.69 27.31
CA PHE A 30 -1.37 -16.11 28.58
C PHE A 30 -2.00 -14.71 28.67
N GLU A 31 -2.70 -14.44 29.76
CA GLU A 31 -3.44 -13.19 29.90
C GLU A 31 -2.60 -12.06 30.50
N ARG A 32 -1.81 -11.39 29.65
CA ARG A 32 -1.01 -10.24 30.11
C ARG A 32 -1.87 -8.97 30.21
N THR A 33 -1.52 -8.10 31.15
CA THR A 33 -2.35 -6.94 31.48
C THR A 33 -1.59 -5.64 31.16
N ILE A 34 -0.29 -5.75 30.98
CA ILE A 34 0.56 -4.62 30.65
C ILE A 34 1.73 -5.00 29.73
N SER A 35 2.08 -4.11 28.81
CA SER A 35 3.22 -4.33 27.93
C SER A 35 4.46 -3.73 28.57
N ILE A 36 5.63 -4.11 28.06
CA ILE A 36 6.90 -3.61 28.60
C ILE A 36 7.09 -2.10 28.44
N PRO A 37 6.74 -1.55 27.27
CA PRO A 37 6.85 -0.09 27.21
C PRO A 37 5.90 0.60 28.20
N GLU A 38 4.69 0.06 28.36
CA GLU A 38 3.72 0.62 29.31
C GLU A 38 4.21 0.49 30.75
N PHE A 39 4.82 -0.66 31.07
CA PHE A 39 5.43 -0.93 32.37
C PHE A 39 6.48 0.13 32.73
N ILE A 40 7.29 0.53 31.75
CA ILE A 40 8.32 1.53 31.94
C ILE A 40 7.71 2.90 32.17
N GLU A 41 6.60 3.19 31.49
CA GLU A 41 5.94 4.50 31.63
C GLU A 41 5.33 4.71 33.01
N LYS A 42 4.59 3.72 33.49
CA LYS A 42 3.87 3.81 34.77
C LYS A 42 4.77 3.73 36.01
N TYR A 43 5.88 3.01 35.91
CA TYR A 43 6.67 2.67 37.10
C TYR A 43 8.14 3.15 37.09
N LYS A 44 8.46 4.13 36.26
CA LYS A 44 9.83 4.65 36.15
C LYS A 44 10.19 5.62 37.28
N ASP A 45 9.17 6.09 38.01
CA ASP A 45 9.33 7.11 39.04
C ASP A 45 9.41 6.55 40.47
N LEU A 46 9.51 5.23 40.57
CA LEU A 46 9.65 4.56 41.86
C LEU A 46 11.02 4.84 42.47
N GLY A 47 11.05 5.04 43.78
CA GLY A 47 12.31 5.22 44.51
C GLY A 47 13.03 3.90 44.67
N ASN A 48 14.35 3.96 44.71
CA ASN A 48 15.20 2.76 44.82
C ASN A 48 14.74 1.81 45.91
N GLY A 49 14.83 0.51 45.62
CA GLY A 49 14.47 -0.54 46.59
C GLY A 49 13.00 -0.59 46.97
N GLU A 50 12.24 0.43 46.57
CA GLU A 50 10.81 0.49 46.88
C GLU A 50 10.03 -0.50 46.03
N HIS A 51 9.13 -1.22 46.68
CA HIS A 51 8.31 -2.23 46.03
C HIS A 51 6.84 -1.80 46.04
N LEU A 52 6.05 -2.40 45.15
CA LEU A 52 4.59 -2.32 45.21
C LEU A 52 4.06 -3.75 45.18
N GLU A 53 4.39 -4.48 46.25
CA GLU A 53 4.12 -5.92 46.37
C GLU A 53 2.64 -6.28 46.27
N ASP A 54 1.78 -5.29 46.44
CA ASP A 54 0.33 -5.48 46.39
C ASP A 54 -0.28 -5.22 45.00
N THR A 55 0.56 -5.10 43.98
CA THR A 55 0.09 -4.92 42.61
C THR A 55 0.57 -6.08 41.73
N ILE A 56 -0.19 -7.18 41.74
CA ILE A 56 0.13 -8.33 40.89
C ILE A 56 -0.14 -7.96 39.43
N LEU A 57 0.87 -8.16 38.59
CA LEU A 57 0.79 -7.86 37.16
C LEU A 57 1.16 -9.08 36.31
N ASN A 58 0.49 -9.21 35.16
CA ASN A 58 0.86 -10.20 34.15
C ASN A 58 1.63 -9.57 33.00
N ILE A 59 2.87 -10.04 32.81
CA ILE A 59 3.80 -9.50 31.82
C ILE A 59 4.41 -10.61 30.95
N THR A 60 4.67 -10.30 29.68
CA THR A 60 5.35 -11.21 28.76
C THR A 60 6.57 -10.50 28.16
N GLY A 61 7.46 -11.27 27.54
CA GLY A 61 8.64 -10.69 26.89
C GLY A 61 9.65 -11.75 26.53
N ARG A 62 10.81 -11.32 26.08
CA ARG A 62 11.85 -12.28 25.71
C ARG A 62 13.05 -12.12 26.63
N ILE A 63 13.50 -13.27 27.14
CA ILE A 63 14.69 -13.32 27.98
C ILE A 63 15.93 -13.11 27.12
N MET A 64 16.78 -12.17 27.50
CA MET A 64 17.94 -11.81 26.68
C MET A 64 19.25 -11.72 27.47
N ARG A 65 19.18 -11.86 28.80
CA ARG A 65 20.35 -11.99 29.66
C ARG A 65 19.97 -12.73 30.93
N VAL A 66 20.87 -13.60 31.41
CA VAL A 66 20.66 -14.41 32.62
C VAL A 66 21.84 -14.26 33.59
N SER A 67 21.59 -13.67 34.76
CA SER A 67 22.68 -13.31 35.68
C SER A 67 22.86 -14.32 36.82
N LYS A 72 19.68 -18.28 45.32
CA LYS A 72 18.58 -17.64 46.05
C LYS A 72 17.95 -16.48 45.26
N LEU A 73 18.77 -15.76 44.51
CA LEU A 73 18.32 -14.63 43.68
C LEU A 73 18.76 -14.81 42.22
N ARG A 74 17.83 -14.60 41.29
CA ARG A 74 18.10 -14.75 39.85
C ARG A 74 17.72 -13.50 39.02
N PHE A 75 18.72 -12.93 38.32
CA PHE A 75 18.55 -11.72 37.49
C PHE A 75 18.37 -12.05 35.99
N PHE A 76 17.48 -11.32 35.32
CA PHE A 76 17.27 -11.43 33.87
C PHE A 76 17.03 -10.09 33.17
N ASP A 77 17.13 -10.11 31.84
CA ASP A 77 16.71 -8.98 31.01
C ASP A 77 15.56 -9.41 30.13
N LEU A 78 14.43 -8.70 30.27
CA LEU A 78 13.23 -9.03 29.51
C LEU A 78 12.97 -7.93 28.51
N VAL A 79 12.96 -8.28 27.23
CA VAL A 79 12.70 -7.28 26.19
C VAL A 79 11.32 -7.44 25.58
N GLY A 80 10.69 -6.29 25.32
CA GLY A 80 9.37 -6.25 24.72
C GLY A 80 9.29 -4.97 23.92
N ASP A 81 8.89 -5.11 22.65
CA ASP A 81 8.69 -4.01 21.71
C ASP A 81 9.83 -3.00 21.66
N GLY A 82 11.05 -3.47 21.90
CA GLY A 82 12.22 -2.61 21.82
C GLY A 82 12.62 -1.91 23.10
N GLU A 83 12.30 -2.50 24.24
CA GLU A 83 12.74 -1.98 25.54
C GLU A 83 12.99 -3.10 26.56
N LYS A 84 13.98 -2.90 27.42
CA LYS A 84 14.42 -3.90 28.42
C LYS A 84 14.07 -3.50 29.85
N ILE A 85 13.63 -4.48 30.63
CA ILE A 85 13.44 -4.34 32.08
C ILE A 85 14.02 -5.56 32.77
N GLN A 86 14.39 -5.39 34.04
CA GLN A 86 15.05 -6.45 34.79
C GLN A 86 14.04 -7.37 35.50
N VAL A 87 14.27 -8.66 35.42
CA VAL A 87 13.52 -9.62 36.21
C VAL A 87 14.36 -9.89 37.45
N LEU A 88 13.80 -9.62 38.62
CA LEU A 88 14.46 -9.94 39.88
C LEU A 88 13.70 -11.04 40.63
N ALA A 89 14.04 -12.28 40.32
CA ALA A 89 13.43 -13.45 40.95
C ALA A 89 14.01 -13.70 42.34
N ASN A 90 13.15 -13.67 43.35
CA ASN A 90 13.56 -13.85 44.76
C ASN A 90 12.87 -15.03 45.45
N TYR A 91 13.67 -15.87 46.11
CA TYR A 91 13.15 -17.02 46.86
C TYR A 91 11.94 -16.65 47.71
N SER A 92 11.94 -15.41 48.21
CA SER A 92 10.89 -14.88 49.09
C SER A 92 9.50 -14.75 48.44
N PHE A 93 9.46 -14.26 47.20
CA PHE A 93 8.18 -14.04 46.51
C PHE A 93 7.68 -15.24 45.68
N HIS A 94 8.56 -16.23 45.50
CA HIS A 94 8.26 -17.39 44.66
C HIS A 94 7.16 -18.27 45.27
N ASN A 95 6.08 -18.46 44.52
CA ASN A 95 5.01 -19.36 44.93
C ASN A 95 5.40 -20.85 44.75
N HIS A 96 5.98 -21.41 45.80
CA HIS A 96 6.49 -22.79 45.76
C HIS A 96 5.40 -23.85 45.57
N GLU A 97 4.14 -23.43 45.61
CA GLU A 97 3.04 -24.33 45.32
C GLU A 97 2.99 -24.69 43.82
N LYS A 98 3.42 -23.75 42.98
CA LYS A 98 3.49 -23.97 41.52
C LYS A 98 4.68 -24.85 41.11
N GLY A 99 5.84 -24.60 41.71
CA GLY A 99 7.05 -25.38 41.45
C GLY A 99 8.21 -24.98 42.34
N ASN A 100 9.25 -25.81 42.36
CA ASN A 100 10.48 -25.55 43.11
C ASN A 100 11.28 -24.38 42.54
N PHE A 101 11.47 -23.33 43.34
CA PHE A 101 12.14 -22.09 42.91
C PHE A 101 13.31 -22.28 41.94
N ALA A 102 14.23 -23.18 42.28
CA ALA A 102 15.42 -23.43 41.47
C ALA A 102 15.13 -24.32 40.27
N GLU A 103 14.35 -25.38 40.49
CA GLU A 103 14.00 -26.34 39.43
C GLU A 103 13.23 -25.69 38.27
N CYS A 104 12.67 -24.50 38.53
CA CYS A 104 11.99 -23.70 37.51
C CYS A 104 12.95 -22.83 36.70
N TYR A 105 13.62 -21.90 37.39
CA TYR A 105 14.51 -20.90 36.77
C TYR A 105 15.80 -21.46 36.14
N ASP A 106 16.10 -22.73 36.42
CA ASP A 106 17.28 -23.39 35.86
C ASP A 106 17.11 -23.73 34.37
N LYS A 107 15.85 -23.89 33.95
CA LYS A 107 15.51 -24.27 32.59
C LYS A 107 15.29 -23.08 31.63
N ILE A 108 15.29 -21.86 32.17
CA ILE A 108 15.08 -20.65 31.37
C ILE A 108 16.40 -20.16 30.78
N ARG A 109 16.57 -20.36 29.46
CA ARG A 109 17.78 -19.93 28.75
C ARG A 109 17.58 -18.61 28.00
N ARG A 110 18.67 -18.06 27.44
CA ARG A 110 18.61 -16.84 26.64
C ARG A 110 17.88 -17.08 25.32
N GLY A 111 16.95 -16.19 25.01
CA GLY A 111 16.12 -16.29 23.83
C GLY A 111 14.69 -16.68 24.15
N ASP A 112 14.48 -17.28 25.32
CA ASP A 112 13.15 -17.78 25.70
C ASP A 112 12.13 -16.68 25.89
N ILE A 113 10.92 -16.93 25.37
CA ILE A 113 9.76 -16.05 25.62
C ILE A 113 8.95 -16.62 26.78
N VAL A 114 8.66 -15.75 27.75
CA VAL A 114 8.10 -16.17 29.04
C VAL A 114 6.97 -15.28 29.54
N GLY A 115 6.02 -15.89 30.23
CA GLY A 115 4.95 -15.19 30.94
C GLY A 115 5.38 -15.03 32.39
N ILE A 116 5.23 -13.82 32.92
CA ILE A 116 5.62 -13.54 34.30
C ILE A 116 4.48 -12.93 35.13
N VAL A 117 4.16 -13.56 36.25
CA VAL A 117 3.20 -12.99 37.19
C VAL A 117 3.97 -12.47 38.40
N GLY A 118 4.02 -11.16 38.54
CA GLY A 118 4.77 -10.54 39.64
C GLY A 118 4.30 -9.13 39.97
N PHE A 119 5.19 -8.36 40.59
CA PHE A 119 4.87 -6.99 41.03
C PHE A 119 5.99 -6.00 40.66
N PRO A 120 5.63 -4.72 40.43
CA PRO A 120 6.61 -3.73 40.00
C PRO A 120 7.45 -3.17 41.14
N GLY A 121 8.71 -2.81 40.85
CA GLY A 121 9.59 -2.20 41.84
C GLY A 121 11.02 -2.04 41.38
N LYS A 122 11.85 -1.43 42.22
CA LYS A 122 13.26 -1.23 41.91
C LYS A 122 14.15 -1.98 42.88
N SER A 123 15.38 -2.26 42.45
CA SER A 123 16.38 -2.87 43.34
C SER A 123 16.99 -1.80 44.23
N LYS A 124 17.68 -2.23 45.29
CA LYS A 124 18.42 -1.30 46.14
C LYS A 124 19.31 -0.38 45.31
N LYS A 125 19.80 -0.91 44.19
CA LYS A 125 20.61 -0.16 43.19
C LYS A 125 19.82 0.96 42.49
N GLY A 126 18.50 0.83 42.46
CA GLY A 126 17.62 1.81 41.81
C GLY A 126 17.19 1.41 40.40
N GLU A 127 17.48 0.15 40.04
CA GLU A 127 17.21 -0.38 38.71
C GLU A 127 15.79 -0.93 38.62
N LEU A 128 15.09 -0.50 37.58
CA LEU A 128 13.70 -0.89 37.35
C LEU A 128 13.59 -2.38 37.01
N SER A 129 12.85 -3.12 37.83
CA SER A 129 12.76 -4.58 37.69
C SER A 129 11.33 -5.08 37.79
N ILE A 130 11.12 -6.34 37.41
CA ILE A 130 9.84 -7.00 37.61
C ILE A 130 10.03 -8.20 38.55
N PHE A 131 9.26 -8.21 39.62
CA PHE A 131 9.46 -9.17 40.71
C PHE A 131 8.44 -10.31 40.66
N PRO A 132 8.85 -11.47 40.12
CA PRO A 132 7.97 -12.60 39.81
C PRO A 132 7.61 -13.52 40.99
N LYS A 133 6.37 -14.02 40.97
CA LYS A 133 5.91 -15.10 41.83
C LYS A 133 5.93 -16.40 41.03
N GLU A 134 5.40 -16.34 39.80
CA GLU A 134 5.43 -17.47 38.85
C GLU A 134 6.00 -17.04 37.48
N THR A 135 6.63 -18.00 36.80
CA THR A 135 7.29 -17.78 35.52
C THR A 135 7.11 -19.02 34.62
N ILE A 136 6.13 -18.97 33.72
CA ILE A 136 5.91 -20.07 32.76
C ILE A 136 6.80 -19.88 31.54
N LEU A 137 7.09 -20.97 30.84
CA LEU A 137 7.66 -20.93 29.49
C LEU A 137 6.51 -20.71 28.51
N LEU A 138 6.57 -19.63 27.75
CA LEU A 138 5.56 -19.31 26.73
C LEU A 138 5.94 -19.79 25.33
N SER A 139 7.17 -19.50 24.92
CA SER A 139 7.74 -20.07 23.71
C SER A 139 9.25 -20.17 23.81
N ALA A 140 9.75 -21.40 23.75
CA ALA A 140 11.18 -21.66 23.88
C ALA A 140 11.97 -21.33 22.62
N CYS A 141 13.14 -20.77 22.85
CA CYS A 141 14.12 -20.52 21.81
C CYS A 141 15.11 -21.69 21.73
N LEU A 142 15.08 -22.43 20.63
CA LEU A 142 15.94 -23.62 20.50
C LEU A 142 17.38 -23.32 20.09
N HIS A 143 17.58 -22.31 19.26
CA HIS A 143 18.92 -21.99 18.79
C HIS A 143 19.67 -21.05 19.72
N MET A 144 20.99 -21.02 19.58
CA MET A 144 21.85 -20.16 20.35
C MET A 144 21.87 -18.79 19.69
N LEU A 145 21.40 -17.78 20.41
CA LEU A 145 21.39 -16.40 19.89
C LEU A 145 22.82 -15.84 19.87
N PRO A 146 23.20 -15.16 18.77
CA PRO A 146 24.50 -14.49 18.70
C PRO A 146 24.61 -13.41 19.78
N MET A 147 25.81 -13.15 20.28
CA MET A 147 26.01 -12.18 21.37
C MET A 147 26.15 -10.73 20.89
N THR A 154 26.84 -9.29 8.97
CA THR A 154 27.19 -10.06 7.77
C THR A 154 25.97 -10.31 6.87
N GLU A 155 25.79 -11.56 6.44
CA GLU A 155 24.70 -11.96 5.55
C GLU A 155 23.58 -12.63 6.31
N ILE A 156 23.71 -12.67 7.63
CA ILE A 156 22.67 -13.17 8.52
C ILE A 156 21.56 -12.13 8.64
N ARG A 157 21.94 -10.86 8.64
CA ARG A 157 21.02 -9.72 8.76
C ARG A 157 19.90 -9.71 7.72
N TYR A 158 20.27 -9.92 6.46
CA TYR A 158 19.31 -9.84 5.35
C TYR A 158 18.54 -11.13 5.16
N ARG A 159 19.14 -12.25 5.58
CA ARG A 159 18.51 -13.55 5.42
C ARG A 159 17.57 -13.85 6.57
N GLN A 160 18.08 -13.66 7.78
CA GLN A 160 17.30 -13.81 8.99
C GLN A 160 17.14 -12.45 9.67
N ARG A 161 16.26 -11.63 9.10
CA ARG A 161 16.00 -10.28 9.64
C ARG A 161 15.57 -10.35 11.12
N TYR A 162 14.82 -11.38 11.49
CA TYR A 162 14.31 -11.49 12.86
C TYR A 162 15.41 -11.46 13.91
N LEU A 163 16.57 -12.06 13.61
CA LEU A 163 17.70 -11.99 14.55
C LEU A 163 18.21 -10.56 14.63
N ASP A 164 18.27 -9.90 13.47
CA ASP A 164 18.79 -8.54 13.35
C ASP A 164 17.97 -7.59 14.22
N LEU A 165 16.65 -7.64 14.07
CA LEU A 165 15.71 -6.85 14.87
C LEU A 165 15.86 -7.09 16.39
N LEU A 166 16.32 -8.29 16.76
CA LEU A 166 16.45 -8.68 18.17
C LEU A 166 17.75 -8.22 18.84
N ILE A 167 18.86 -8.38 18.11
CA ILE A 167 20.18 -8.11 18.67
C ILE A 167 20.63 -6.67 18.47
N ASN A 168 20.51 -6.16 17.25
CA ASN A 168 20.95 -4.81 16.93
C ASN A 168 19.86 -3.78 17.19
N GLU A 169 20.09 -2.95 18.22
CA GLU A 169 19.10 -1.99 18.71
C GLU A 169 18.67 -0.95 17.67
N SER A 170 19.56 -0.66 16.73
CA SER A 170 19.27 0.37 15.73
C SER A 170 18.55 -0.18 14.50
N SER A 171 18.61 -1.49 14.27
CA SER A 171 17.91 -2.10 13.16
C SER A 171 16.40 -1.82 13.22
N ARG A 172 15.80 -1.93 14.40
CA ARG A 172 14.41 -1.50 14.64
C ARG A 172 14.19 -0.01 14.34
N HIS A 173 15.04 0.85 14.88
CA HIS A 173 14.92 2.31 14.64
C HIS A 173 14.89 2.60 13.15
N THR A 174 15.66 1.84 12.38
CA THR A 174 15.62 1.91 10.92
C THR A 174 14.21 1.68 10.36
N PHE A 175 13.64 0.51 10.65
CA PHE A 175 12.36 0.14 10.04
C PHE A 175 11.17 0.85 10.64
N VAL A 176 11.35 1.38 11.84
CA VAL A 176 10.34 2.24 12.42
C VAL A 176 10.38 3.55 11.65
N THR A 177 11.58 4.04 11.38
CA THR A 177 11.71 5.29 10.62
C THR A 177 11.08 5.13 9.23
N ARG A 178 11.34 4.01 8.55
CA ARG A 178 10.75 3.78 7.23
C ARG A 178 9.21 3.87 7.28
N THR A 179 8.58 3.25 8.28
CA THR A 179 7.12 3.35 8.41
C THR A 179 6.61 4.75 8.79
N LYS A 180 7.35 5.43 9.66
CA LYS A 180 7.06 6.83 9.98
C LYS A 180 7.14 7.69 8.70
N ILE A 181 8.18 7.44 7.86
CA ILE A 181 8.34 8.13 6.56
C ILE A 181 7.15 7.94 5.65
N ILE A 182 6.69 6.70 5.51
CA ILE A 182 5.54 6.45 4.64
C ILE A 182 4.27 7.08 5.18
N ASN A 183 4.04 6.92 6.49
CA ASN A 183 2.88 7.54 7.15
C ASN A 183 2.88 9.04 6.95
N PHE A 184 4.01 9.68 7.25
CA PHE A 184 4.14 11.11 7.01
C PHE A 184 3.63 11.47 5.62
N LEU A 185 4.18 10.81 4.61
CA LEU A 185 3.85 11.07 3.22
C LEU A 185 2.35 10.96 2.99
N ARG A 186 1.77 9.86 3.46
CA ARG A 186 0.37 9.63 3.27
C ARG A 186 -0.46 10.81 3.80
N ASN A 187 -0.19 11.23 5.03
CA ASN A 187 -0.93 12.33 5.63
C ASN A 187 -0.66 13.64 4.93
N PHE A 188 0.59 13.87 4.56
CA PHE A 188 0.96 15.06 3.81
C PHE A 188 0.09 15.21 2.56
N LEU A 189 -0.13 14.11 1.85
CA LEU A 189 -0.82 14.18 0.59
C LEU A 189 -2.28 14.28 0.80
N ASN A 190 -2.77 13.47 1.75
CA ASN A 190 -4.19 13.42 2.10
C ASN A 190 -4.65 14.76 2.63
N GLU A 191 -3.84 15.35 3.50
CA GLU A 191 -4.10 16.68 4.06
C GLU A 191 -4.26 17.73 2.99
N ARG A 192 -3.72 17.44 1.81
CA ARG A 192 -3.71 18.41 0.71
C ARG A 192 -4.77 18.11 -0.33
N GLY A 193 -5.60 17.13 -0.05
CA GLY A 193 -6.77 16.84 -0.87
C GLY A 193 -6.59 15.63 -1.77
N PHE A 194 -5.48 14.93 -1.59
CA PHE A 194 -5.16 13.81 -2.45
C PHE A 194 -5.95 12.54 -2.14
N PHE A 195 -6.07 11.70 -3.17
CA PHE A 195 -6.90 10.51 -3.18
C PHE A 195 -6.08 9.25 -3.51
N GLU A 196 -5.86 8.39 -2.52
CA GLU A 196 -5.05 7.18 -2.71
C GLU A 196 -5.82 6.05 -3.40
N VAL A 197 -5.21 5.47 -4.43
CA VAL A 197 -5.85 4.39 -5.23
C VAL A 197 -4.91 3.22 -5.44
N GLU A 198 -5.41 2.16 -6.07
CA GLU A 198 -4.57 1.07 -6.55
C GLU A 198 -4.90 0.80 -8.00
N THR A 199 -3.90 1.05 -8.84
CA THR A 199 -3.92 0.68 -10.27
C THR A 199 -3.32 -0.74 -10.36
N PRO A 200 -3.65 -1.50 -11.43
CA PRO A 200 -3.33 -2.93 -11.44
C PRO A 200 -1.84 -3.23 -11.53
N MET A 201 -1.42 -4.30 -10.85
CA MET A 201 -0.01 -4.73 -10.73
C MET A 201 0.50 -5.42 -11.99
N MET A 202 -0.42 -5.95 -12.77
CA MET A 202 -0.13 -6.63 -14.04
C MET A 202 -0.77 -5.89 -15.20
N ASN A 203 0.00 -5.73 -16.26
CA ASN A 203 -0.47 -5.04 -17.45
C ASN A 203 -0.17 -5.83 -18.71
N LEU A 204 -0.77 -5.42 -19.81
CA LEU A 204 -0.52 -6.04 -21.09
C LEU A 204 0.76 -5.48 -21.74
N ILE A 205 1.16 -4.27 -21.35
CA ILE A 205 2.41 -3.67 -21.83
C ILE A 205 3.30 -3.12 -20.72
N ALA A 209 8.31 4.28 -18.12
CA ALA A 209 9.76 4.43 -18.08
C ALA A 209 10.47 3.54 -19.12
N ASN A 210 11.78 3.70 -19.24
CA ASN A 210 12.59 2.77 -20.02
C ASN A 210 13.37 1.84 -19.08
N ALA A 211 12.81 0.65 -18.85
CA ALA A 211 13.45 -0.43 -18.07
C ALA A 211 12.84 -1.80 -18.42
N ARG A 212 13.64 -2.85 -18.22
CA ARG A 212 13.23 -4.22 -18.56
C ARG A 212 12.17 -4.78 -17.60
N PRO A 213 11.09 -5.37 -18.14
CA PRO A 213 10.01 -5.83 -17.30
C PRO A 213 10.15 -7.26 -16.79
N PHE A 214 9.44 -7.56 -15.70
CA PHE A 214 9.17 -8.94 -15.35
C PHE A 214 7.97 -9.39 -16.16
N ILE A 215 8.07 -10.60 -16.69
CA ILE A 215 6.99 -11.21 -17.45
C ILE A 215 6.52 -12.49 -16.78
N THR A 216 5.20 -12.67 -16.75
CA THR A 216 4.59 -13.87 -16.18
C THR A 216 3.39 -14.26 -17.02
N HIS A 217 2.93 -15.49 -16.84
CA HIS A 217 1.80 -16.02 -17.61
C HIS A 217 0.58 -16.20 -16.70
N HIS A 218 -0.58 -15.78 -17.17
CA HIS A 218 -1.81 -16.17 -16.51
C HIS A 218 -2.38 -17.40 -17.18
N ASN A 219 -2.51 -18.46 -16.41
CA ASN A 219 -3.06 -19.74 -16.87
C ASN A 219 -4.43 -19.68 -17.54
N ASP A 220 -5.45 -19.32 -16.77
CA ASP A 220 -6.85 -19.45 -17.21
C ASP A 220 -7.32 -18.40 -18.22
N LEU A 221 -6.56 -17.30 -18.37
CA LEU A 221 -6.79 -16.34 -19.43
C LEU A 221 -5.94 -16.65 -20.66
N ASP A 222 -4.96 -17.54 -20.48
CA ASP A 222 -3.98 -17.88 -21.51
C ASP A 222 -3.41 -16.60 -22.12
N LEU A 223 -2.73 -15.82 -21.27
CA LEU A 223 -2.21 -14.54 -21.68
C LEU A 223 -1.02 -14.16 -20.83
N ASP A 224 -0.08 -13.47 -21.44
CA ASP A 224 1.20 -13.17 -20.80
C ASP A 224 1.25 -11.71 -20.39
N LEU A 225 1.51 -11.50 -19.11
CA LEU A 225 1.33 -10.19 -18.49
C LEU A 225 2.60 -9.66 -17.87
N TYR A 226 2.75 -8.35 -17.97
CA TYR A 226 3.95 -7.67 -17.51
C TYR A 226 3.66 -6.99 -16.19
N LEU A 227 4.61 -7.14 -15.27
CA LEU A 227 4.50 -6.47 -14.01
C LEU A 227 4.86 -5.02 -14.23
N ARG A 228 4.08 -4.14 -13.63
CA ARG A 228 4.22 -2.70 -13.77
C ARG A 228 5.61 -2.21 -13.43
N ILE A 229 6.10 -1.29 -14.24
CA ILE A 229 7.42 -0.70 -14.01
C ILE A 229 7.26 0.70 -13.44
N ALA A 230 6.05 1.24 -13.59
CA ALA A 230 5.63 2.52 -13.03
C ALA A 230 4.10 2.58 -12.88
N THR A 231 3.61 3.66 -12.26
CA THR A 231 2.16 3.86 -12.06
C THR A 231 1.67 5.08 -12.84
N GLU A 232 2.61 5.67 -13.59
CA GLU A 232 2.38 6.88 -14.37
C GLU A 232 1.13 6.81 -15.27
N LEU A 233 1.00 5.77 -16.08
CA LEU A 233 -0.05 5.75 -17.11
C LEU A 233 -1.45 5.58 -16.54
N PRO A 234 -1.65 4.63 -15.62
CA PRO A 234 -3.04 4.52 -15.17
C PRO A 234 -3.48 5.67 -14.22
N LEU A 235 -2.56 6.22 -13.41
CA LEU A 235 -2.86 7.43 -12.63
C LEU A 235 -3.29 8.59 -13.52
N LYS A 236 -2.54 8.84 -14.60
CA LYS A 236 -2.86 9.97 -15.51
C LYS A 236 -4.26 9.81 -16.13
N MET A 237 -4.66 8.57 -16.36
CA MET A 237 -5.99 8.29 -16.85
C MET A 237 -7.08 8.74 -15.87
N LEU A 238 -6.80 8.57 -14.57
CA LEU A 238 -7.79 8.87 -13.53
C LEU A 238 -7.99 10.37 -13.41
N ILE A 239 -6.93 11.12 -13.65
CA ILE A 239 -7.03 12.57 -13.82
C ILE A 239 -7.98 12.91 -14.98
N VAL A 240 -7.91 12.14 -16.08
CA VAL A 240 -8.87 12.29 -17.20
C VAL A 240 -10.27 12.00 -16.65
N GLY A 241 -10.36 11.08 -15.70
CA GLY A 241 -11.65 10.67 -15.13
C GLY A 241 -12.21 11.68 -14.15
N GLY A 242 -11.38 12.64 -13.78
CA GLY A 242 -11.84 13.72 -12.95
C GLY A 242 -11.33 13.63 -11.54
N ILE A 243 -10.53 12.62 -11.24
CA ILE A 243 -9.84 12.58 -9.99
C ILE A 243 -8.63 13.51 -10.05
N ASP A 244 -8.84 14.78 -9.72
CA ASP A 244 -7.80 15.79 -9.92
C ASP A 244 -6.58 15.71 -9.01
N LYS A 245 -6.68 14.99 -7.88
CA LYS A 245 -5.52 14.84 -6.99
C LYS A 245 -5.43 13.38 -6.55
N VAL A 246 -4.62 12.60 -7.28
CA VAL A 246 -4.60 11.12 -7.14
C VAL A 246 -3.19 10.61 -6.91
N TYR A 247 -3.04 9.53 -6.14
CA TYR A 247 -1.72 8.95 -5.87
C TYR A 247 -1.70 7.50 -5.53
N GLU A 248 -0.49 6.94 -5.50
CA GLU A 248 -0.33 5.53 -5.18
C GLU A 248 1.02 5.33 -4.54
N ILE A 249 1.02 4.61 -3.42
CA ILE A 249 2.24 4.17 -2.78
C ILE A 249 2.18 2.67 -2.91
N GLY A 250 3.17 2.11 -3.59
CA GLY A 250 3.14 0.68 -3.98
C GLY A 250 4.44 0.20 -4.59
N LYS A 251 4.56 -1.10 -4.80
CA LYS A 251 5.81 -1.65 -5.34
C LYS A 251 5.80 -1.51 -6.86
N VAL A 252 6.99 -1.40 -7.44
CA VAL A 252 7.15 -1.42 -8.91
C VAL A 252 8.27 -2.37 -9.25
N PHE A 253 8.12 -3.06 -10.37
CA PHE A 253 9.03 -4.15 -10.72
C PHE A 253 9.87 -3.88 -11.98
N ARG A 254 11.17 -3.71 -11.77
CA ARG A 254 12.14 -3.47 -12.86
C ARG A 254 13.18 -4.60 -12.95
N ASN A 255 13.19 -5.34 -14.06
CA ASN A 255 14.07 -6.49 -14.17
C ASN A 255 15.45 -6.08 -14.52
N GLU A 256 16.06 -5.39 -13.58
CA GLU A 256 17.38 -4.84 -13.80
C GLU A 256 18.42 -5.39 -12.86
N GLY A 257 19.55 -4.70 -12.83
CA GLY A 257 20.68 -5.05 -12.01
C GLY A 257 20.46 -4.81 -10.54
N ILE A 258 21.28 -5.44 -9.72
CA ILE A 258 21.19 -5.32 -8.28
C ILE A 258 22.44 -4.72 -7.68
N ASP A 259 22.27 -3.81 -6.73
CA ASP A 259 23.42 -3.21 -6.04
C ASP A 259 22.96 -2.40 -4.82
N ASN A 260 23.89 -1.65 -4.23
CA ASN A 260 23.60 -0.88 -3.02
C ASN A 260 22.46 0.12 -3.17
N THR A 261 22.07 0.40 -4.40
CA THR A 261 21.09 1.45 -4.67
C THR A 261 20.08 0.98 -5.72
N HIS A 262 20.01 -0.33 -5.92
CA HIS A 262 19.09 -0.94 -6.88
C HIS A 262 18.61 -2.29 -6.37
N ASN A 263 17.32 -2.51 -6.54
CA ASN A 263 16.67 -3.72 -6.12
C ASN A 263 15.48 -3.90 -7.03
N PRO A 264 15.44 -5.01 -7.77
CA PRO A 264 14.43 -5.29 -8.79
C PRO A 264 13.00 -4.92 -8.38
N GLU A 265 12.63 -5.11 -7.11
CA GLU A 265 11.32 -4.62 -6.60
C GLU A 265 11.48 -3.56 -5.51
N PHE A 266 10.98 -2.36 -5.81
CA PHE A 266 11.13 -1.24 -4.88
C PHE A 266 9.83 -0.47 -4.68
N THR A 267 9.83 0.46 -3.75
CA THR A 267 8.59 1.09 -3.33
C THR A 267 8.60 2.50 -3.82
N SER A 268 7.55 2.87 -4.54
CA SER A 268 7.45 4.22 -5.07
C SER A 268 6.11 4.86 -4.76
N CYS A 269 6.15 6.17 -4.61
CA CYS A 269 4.96 6.98 -4.55
C CYS A 269 4.95 7.89 -5.78
N GLU A 270 3.89 7.79 -6.56
CA GLU A 270 3.66 8.72 -7.64
C GLU A 270 2.35 9.41 -7.36
N PHE A 271 2.34 10.74 -7.45
CA PHE A 271 1.13 11.50 -7.27
C PHE A 271 0.92 12.45 -8.42
N TYR A 272 -0.34 12.74 -8.71
CA TYR A 272 -0.69 13.54 -9.87
C TYR A 272 -1.65 14.67 -9.56
N TRP A 273 -1.18 15.87 -9.91
CA TRP A 273 -1.75 17.10 -9.47
C TRP A 273 -2.23 17.89 -10.67
N ALA A 274 -3.51 17.77 -10.97
CA ALA A 274 -4.16 18.54 -12.02
C ALA A 274 -4.13 20.02 -11.69
N TYR A 275 -3.81 20.83 -12.69
CA TYR A 275 -3.74 22.29 -12.64
C TYR A 275 -2.43 22.83 -12.03
N ALA A 276 -1.61 21.93 -11.51
CA ALA A 276 -0.25 22.30 -11.10
C ALA A 276 0.75 22.13 -12.26
N ASP A 277 1.99 22.55 -12.03
CA ASP A 277 3.03 22.50 -13.05
C ASP A 277 4.43 22.39 -12.42
N TYR A 278 5.42 22.20 -13.29
CA TYR A 278 6.83 22.21 -12.94
C TYR A 278 7.15 23.14 -11.74
N ASN A 279 6.75 24.40 -11.82
CA ASN A 279 6.96 25.33 -10.71
C ASN A 279 6.30 24.96 -9.36
N ASP A 280 5.10 24.39 -9.39
CA ASP A 280 4.42 23.99 -8.17
C ASP A 280 5.12 22.79 -7.55
N LEU A 281 5.60 21.89 -8.41
CA LEU A 281 6.16 20.61 -7.98
C LEU A 281 7.52 20.77 -7.33
N ILE A 282 8.22 21.85 -7.67
CA ILE A 282 9.39 22.24 -6.92
C ILE A 282 9.01 22.65 -5.49
N LYS A 283 8.18 23.70 -5.38
CA LYS A 283 7.65 24.14 -4.08
C LYS A 283 7.14 22.95 -3.25
N TRP A 284 6.40 22.03 -3.87
CA TRP A 284 5.94 20.84 -3.15
C TRP A 284 7.11 20.03 -2.58
N SER A 285 8.07 19.70 -3.43
CA SER A 285 9.24 18.92 -3.03
C SER A 285 10.05 19.62 -1.95
N GLU A 286 10.41 20.89 -2.15
CA GLU A 286 11.11 21.65 -1.11
C GLU A 286 10.35 21.62 0.24
N ASP A 287 9.05 21.91 0.18
CA ASP A 287 8.16 21.84 1.34
C ASP A 287 8.19 20.49 2.03
N PHE A 288 7.88 19.43 1.29
CA PHE A 288 7.84 18.06 1.80
C PHE A 288 9.14 17.54 2.47
N PHE A 289 10.24 17.50 1.71
CA PHE A 289 11.52 17.01 2.25
C PHE A 289 12.00 17.77 3.49
N SER A 290 11.91 19.10 3.48
CA SER A 290 12.26 19.89 4.65
C SER A 290 11.37 19.52 5.85
N GLN A 291 10.07 19.39 5.60
CA GLN A 291 9.11 19.15 6.68
C GLN A 291 9.25 17.75 7.23
N LEU A 292 9.54 16.80 6.36
CA LEU A 292 9.75 15.43 6.77
C LEU A 292 10.97 15.33 7.65
N VAL A 293 12.06 15.94 7.20
CA VAL A 293 13.32 15.88 7.93
C VAL A 293 13.18 16.58 9.29
N TYR A 294 12.42 17.65 9.34
CA TYR A 294 12.19 18.33 10.62
C TYR A 294 11.31 17.49 11.55
N HIS A 295 10.39 16.73 10.96
CA HIS A 295 9.55 15.81 11.70
C HIS A 295 10.34 14.71 12.42
N LEU A 296 11.41 14.23 11.79
CA LEU A 296 12.14 13.05 12.27
C LEU A 296 13.35 13.38 13.12
N PHE A 297 13.72 14.66 13.20
CA PHE A 297 14.95 15.01 13.88
C PHE A 297 14.87 16.30 14.69
N GLY A 298 14.00 17.22 14.28
CA GLY A 298 13.91 18.54 14.90
C GLY A 298 15.04 19.46 14.45
N THR A 299 15.47 19.27 13.21
CA THR A 299 16.56 20.01 12.59
C THR A 299 16.57 19.70 11.12
N TYR A 300 16.93 20.69 10.31
CA TYR A 300 16.99 20.52 8.86
C TYR A 300 18.29 19.86 8.41
N LYS A 301 19.22 19.67 9.34
CA LYS A 301 20.53 19.14 9.02
C LYS A 301 20.73 17.77 9.65
N ILE A 302 21.16 16.83 8.84
CA ILE A 302 21.43 15.48 9.33
C ILE A 302 22.84 15.07 8.93
N SER A 303 23.30 13.97 9.53
CA SER A 303 24.61 13.47 9.26
C SER A 303 24.47 12.16 8.47
N TYR A 304 25.34 11.96 7.48
CA TYR A 304 25.26 10.76 6.66
C TYR A 304 26.64 10.24 6.28
N ASN A 305 26.90 8.98 6.62
CA ASN A 305 28.17 8.33 6.33
C ASN A 305 28.21 7.73 4.92
N LYS A 306 28.42 8.60 3.94
CA LYS A 306 28.49 8.27 2.51
C LYS A 306 29.44 7.12 2.20
N ASP A 307 30.61 7.14 2.82
CA ASP A 307 31.66 6.16 2.55
C ASP A 307 31.62 4.97 3.51
N GLY A 308 30.89 5.11 4.62
CA GLY A 308 30.76 4.03 5.59
C GLY A 308 30.93 4.50 7.03
N PRO A 309 30.53 3.65 8.01
CA PRO A 309 30.54 4.03 9.43
C PRO A 309 31.96 4.13 10.00
N GLU A 310 32.95 3.71 9.22
CA GLU A 310 34.35 3.83 9.60
C GLU A 310 34.96 5.18 9.20
N ASN A 311 34.50 5.73 8.08
CA ASN A 311 34.99 7.03 7.58
C ASN A 311 34.10 8.19 8.02
N GLN A 312 34.65 9.41 7.93
CA GLN A 312 33.96 10.62 8.38
C GLN A 312 32.62 10.86 7.69
N PRO A 313 31.60 11.25 8.48
CA PRO A 313 30.29 11.58 7.92
C PRO A 313 30.26 12.97 7.29
N ILE A 314 29.46 13.15 6.25
CA ILE A 314 29.18 14.49 5.72
C ILE A 314 27.84 14.97 6.25
N GLU A 315 27.57 16.27 6.16
CA GLU A 315 26.32 16.83 6.71
C GLU A 315 25.36 17.26 5.62
N ILE A 316 24.12 16.77 5.69
CA ILE A 316 23.11 17.09 4.67
C ILE A 316 22.08 18.08 5.21
N ASP A 317 21.95 19.23 4.54
CA ASP A 317 21.11 20.34 5.00
C ASP A 317 19.87 20.49 4.13
N PHE A 318 18.69 20.37 4.75
CA PHE A 318 17.41 20.33 4.02
C PHE A 318 16.61 21.64 4.07
N THR A 319 17.30 22.74 4.32
CA THR A 319 16.66 24.04 4.38
C THR A 319 16.32 24.52 2.97
N PRO A 320 15.03 24.87 2.73
CA PRO A 320 14.60 25.45 1.45
C PRO A 320 15.20 26.83 1.25
N PRO A 321 15.43 27.23 -0.01
CA PRO A 321 15.20 26.40 -1.18
C PRO A 321 16.46 25.61 -1.51
N TYR A 322 16.33 24.63 -2.40
CA TYR A 322 17.49 23.88 -2.87
C TYR A 322 17.88 24.37 -4.27
N PRO A 323 19.17 24.22 -4.68
CA PRO A 323 19.63 24.63 -6.03
C PRO A 323 18.93 23.95 -7.20
N LYS A 324 18.66 24.72 -8.26
CA LYS A 324 18.21 24.18 -9.56
C LYS A 324 19.37 24.33 -10.55
N VAL A 325 19.86 23.21 -11.06
CA VAL A 325 20.93 23.22 -12.04
C VAL A 325 20.43 22.68 -13.38
N SER A 326 20.54 23.48 -14.43
CA SER A 326 20.04 23.07 -15.76
C SER A 326 20.92 22.04 -16.47
N ILE A 327 20.35 20.89 -16.79
CA ILE A 327 21.16 19.75 -17.26
C ILE A 327 22.01 19.99 -18.51
N VAL A 328 21.42 20.57 -19.56
CA VAL A 328 22.21 20.86 -20.75
C VAL A 328 23.25 21.94 -20.45
N GLU A 329 22.80 23.11 -19.98
CA GLU A 329 23.69 24.23 -19.65
C GLU A 329 24.91 23.79 -18.85
N GLU A 330 24.68 22.98 -17.82
CA GLU A 330 25.71 22.61 -16.88
C GLU A 330 26.82 21.73 -17.49
N ILE A 331 26.44 20.67 -18.21
CA ILE A 331 27.39 19.82 -18.97
C ILE A 331 28.23 20.66 -19.93
N GLU A 332 27.54 21.48 -20.71
CA GLU A 332 28.17 22.46 -21.60
C GLU A 332 29.21 23.31 -20.88
N LYS A 333 28.77 23.99 -19.82
CA LYS A 333 29.63 24.91 -19.06
C LYS A 333 30.81 24.19 -18.41
N VAL A 334 30.61 22.93 -18.04
CA VAL A 334 31.65 22.15 -17.37
C VAL A 334 32.71 21.61 -18.34
N THR A 335 32.30 21.27 -19.56
CA THR A 335 33.24 20.68 -20.52
C THR A 335 33.80 21.69 -21.53
N ASN A 336 33.40 22.95 -21.40
CA ASN A 336 33.77 24.03 -22.35
C ASN A 336 33.21 23.85 -23.78
N THR A 337 32.21 22.98 -23.92
CA THR A 337 31.62 22.65 -25.23
C THR A 337 30.18 23.11 -25.35
N ILE A 338 29.70 23.20 -26.58
CA ILE A 338 28.30 23.46 -26.85
C ILE A 338 27.78 22.18 -27.49
N LEU A 339 26.52 21.84 -27.24
CA LEU A 339 25.94 20.68 -27.88
C LEU A 339 24.77 21.12 -28.76
N GLU A 340 25.00 21.11 -30.08
CA GLU A 340 24.05 21.66 -31.04
C GLU A 340 22.85 20.74 -31.20
N GLN A 341 21.65 21.31 -31.29
CA GLN A 341 20.42 20.53 -31.47
C GLN A 341 20.09 20.29 -32.95
N PRO A 342 19.57 19.09 -33.29
CA PRO A 342 19.14 17.99 -32.42
C PRO A 342 20.30 17.26 -31.75
N PHE A 343 20.09 16.84 -30.51
CA PHE A 343 21.10 16.11 -29.77
C PHE A 343 21.40 14.75 -30.41
N ASP A 344 20.45 14.23 -31.20
CA ASP A 344 20.58 12.91 -31.80
C ASP A 344 21.27 12.91 -33.18
N SER A 345 21.72 14.10 -33.58
CA SER A 345 22.47 14.29 -34.82
C SER A 345 23.81 13.55 -34.75
N ASN A 346 24.33 13.12 -35.90
CA ASN A 346 25.67 12.50 -35.96
C ASN A 346 26.75 13.42 -35.42
N GLU A 347 26.53 14.74 -35.58
CA GLU A 347 27.44 15.77 -35.09
C GLU A 347 27.58 15.73 -33.58
N THR A 348 26.45 15.85 -32.90
CA THR A 348 26.45 16.00 -31.44
C THR A 348 26.71 14.69 -30.69
N ILE A 349 26.18 13.57 -31.21
CA ILE A 349 26.51 12.25 -30.67
C ILE A 349 28.03 12.03 -30.56
N GLU A 350 28.74 12.30 -31.67
CA GLU A 350 30.21 12.18 -31.72
C GLU A 350 30.88 13.11 -30.70
N LYS A 351 30.37 14.33 -30.56
CA LYS A 351 30.92 15.27 -29.58
C LYS A 351 30.70 14.76 -28.16
N MET A 352 29.59 14.06 -27.93
CA MET A 352 29.30 13.50 -26.61
C MET A 352 30.18 12.29 -26.33
N ILE A 353 30.21 11.36 -27.28
CA ILE A 353 31.02 10.16 -27.18
C ILE A 353 32.50 10.48 -26.99
N ASN A 354 32.95 11.60 -27.56
CA ASN A 354 34.34 12.02 -27.39
C ASN A 354 34.66 12.49 -25.97
N ILE A 355 33.72 13.24 -25.36
CA ILE A 355 33.86 13.67 -23.97
C ILE A 355 33.91 12.47 -23.00
N ILE A 356 33.16 11.43 -23.35
CA ILE A 356 33.16 10.17 -22.59
C ILE A 356 34.50 9.44 -22.64
N LYS A 357 35.15 9.39 -23.80
CA LYS A 357 36.47 8.79 -23.89
C LYS A 357 37.53 9.73 -23.29
N GLU A 358 37.38 11.03 -23.54
CA GLU A 358 38.35 12.04 -23.09
C GLU A 358 38.45 12.17 -21.57
N HIS A 359 37.38 11.79 -20.86
CA HIS A 359 37.38 11.80 -19.39
C HIS A 359 37.27 10.38 -18.80
N LYS A 360 37.69 9.39 -19.61
CA LYS A 360 37.78 7.96 -19.24
C LYS A 360 36.57 7.39 -18.48
N ILE A 361 35.37 7.74 -18.92
CA ILE A 361 34.12 7.24 -18.35
C ILE A 361 33.58 6.05 -19.17
N GLU A 362 32.79 5.20 -18.54
CA GLU A 362 32.22 4.04 -19.21
C GLU A 362 31.26 4.51 -20.28
N LEU A 363 31.50 4.09 -21.52
CA LEU A 363 30.60 4.34 -22.63
C LEU A 363 29.39 3.41 -22.53
N PRO A 364 28.18 3.98 -22.53
CA PRO A 364 26.97 3.14 -22.60
C PRO A 364 26.74 2.59 -24.01
N ASN A 365 26.49 1.28 -24.08
CA ASN A 365 26.06 0.62 -25.32
C ASN A 365 24.65 0.05 -25.16
N PRO A 366 23.71 0.41 -26.07
CA PRO A 366 23.95 1.30 -27.20
C PRO A 366 24.19 2.75 -26.77
N PRO A 367 25.09 3.46 -27.48
CA PRO A 367 25.23 4.89 -27.27
C PRO A 367 24.18 5.65 -28.08
N THR A 368 22.96 5.72 -27.54
CA THR A 368 21.93 6.62 -28.08
C THR A 368 22.00 7.99 -27.39
N ALA A 369 21.63 9.02 -28.14
CA ALA A 369 21.72 10.39 -27.65
C ALA A 369 21.15 10.53 -26.24
N ALA A 370 19.99 9.92 -26.00
CA ALA A 370 19.30 9.98 -24.71
C ALA A 370 20.10 9.37 -23.56
N LYS A 371 20.81 8.28 -23.83
CA LYS A 371 21.63 7.61 -22.81
C LYS A 371 22.98 8.29 -22.58
N LEU A 372 23.49 8.95 -23.61
CA LEU A 372 24.78 9.66 -23.53
C LEU A 372 24.65 10.95 -22.74
N LEU A 373 23.50 11.60 -22.84
CA LEU A 373 23.18 12.73 -22.00
C LEU A 373 23.09 12.29 -20.54
N ASP A 374 22.51 11.12 -20.32
CA ASP A 374 22.35 10.57 -18.98
C ASP A 374 23.70 10.35 -18.26
N GLN A 375 24.61 9.62 -18.91
CA GLN A 375 25.94 9.32 -18.33
C GLN A 375 26.77 10.59 -18.13
N LEU A 376 26.65 11.51 -19.07
CA LEU A 376 27.37 12.76 -19.02
C LEU A 376 26.90 13.52 -17.78
N ALA A 377 25.59 13.59 -17.60
CA ALA A 377 24.99 14.22 -16.44
C ALA A 377 25.46 13.48 -15.19
N SER A 378 25.40 12.15 -15.27
CA SER A 378 25.74 11.27 -14.18
C SER A 378 27.12 11.58 -13.58
N HIS A 379 28.08 11.86 -14.45
CA HIS A 379 29.43 12.08 -14.02
C HIS A 379 29.74 13.56 -13.74
N PHE A 380 29.23 14.44 -14.60
CA PHE A 380 29.61 15.86 -14.59
C PHE A 380 28.72 16.83 -13.80
N ILE A 381 27.54 16.38 -13.40
CA ILE A 381 26.65 17.22 -12.59
C ILE A 381 26.25 16.55 -11.29
N GLU A 382 25.99 15.25 -11.36
CA GLU A 382 25.27 14.52 -10.30
C GLU A 382 25.96 14.49 -8.92
N ASN A 383 27.20 14.95 -8.84
CA ASN A 383 27.88 15.16 -7.55
C ASN A 383 28.31 16.62 -7.34
N LYS A 384 27.48 17.55 -7.83
CA LYS A 384 27.74 18.99 -7.72
C LYS A 384 27.58 19.49 -6.28
N TYR A 385 26.66 18.89 -5.55
CA TYR A 385 26.47 19.20 -4.14
C TYR A 385 26.35 17.89 -3.37
N ASN A 386 26.71 17.93 -2.09
CA ASN A 386 26.50 16.80 -1.19
C ASN A 386 26.05 17.25 0.20
N ASP A 387 26.16 18.56 0.44
CA ASP A 387 25.77 19.17 1.73
C ASP A 387 24.33 19.73 1.73
N LYS A 388 23.64 19.56 0.59
CA LYS A 388 22.25 19.95 0.42
C LYS A 388 21.65 19.15 -0.74
N PRO A 389 20.34 18.83 -0.68
CA PRO A 389 19.73 18.19 -1.85
C PRO A 389 19.58 19.20 -3.00
N PHE A 390 19.71 18.74 -4.23
CA PHE A 390 19.53 19.67 -5.35
C PHE A 390 18.74 19.11 -6.53
N PHE A 391 18.16 20.01 -7.31
CA PHE A 391 17.36 19.64 -8.48
C PHE A 391 18.10 19.75 -9.81
N ILE A 392 17.85 18.81 -10.70
CA ILE A 392 18.34 18.96 -12.04
C ILE A 392 17.14 19.21 -12.95
N VAL A 393 17.12 20.37 -13.57
CA VAL A 393 15.95 20.84 -14.27
C VAL A 393 16.13 20.89 -15.80
N GLU A 394 15.01 20.92 -16.49
CA GLU A 394 14.96 21.27 -17.92
C GLU A 394 15.67 20.26 -18.85
N HIS A 395 15.29 18.98 -18.69
CA HIS A 395 15.85 17.91 -19.51
C HIS A 395 15.38 18.03 -20.94
N PRO A 396 16.22 17.59 -21.89
CA PRO A 396 15.81 17.50 -23.31
C PRO A 396 14.58 16.63 -23.54
N GLN A 397 13.84 16.94 -24.59
CA GLN A 397 12.69 16.14 -24.98
C GLN A 397 13.06 14.71 -25.34
N ILE A 398 14.28 14.48 -25.80
CA ILE A 398 14.62 13.11 -26.20
C ILE A 398 14.94 12.23 -24.98
N MET A 399 14.99 12.86 -23.81
CA MET A 399 15.18 12.14 -22.54
C MET A 399 13.84 11.97 -21.84
N SER A 400 12.88 12.78 -22.24
CA SER A 400 11.66 12.98 -21.48
C SER A 400 10.41 12.80 -22.34
N PRO A 401 10.11 11.56 -22.74
CA PRO A 401 9.00 11.35 -23.68
C PRO A 401 7.61 11.70 -23.13
N LEU A 402 7.42 11.64 -21.83
CA LEU A 402 6.10 11.89 -21.23
C LEU A 402 5.95 13.32 -20.68
N ALA A 403 7.07 14.03 -20.64
CA ALA A 403 7.14 15.39 -20.12
C ALA A 403 6.77 16.48 -21.13
N LYS A 404 5.92 17.42 -20.73
CA LYS A 404 5.50 18.53 -21.60
C LYS A 404 6.69 19.41 -22.00
N TYR A 405 6.66 19.91 -23.24
CA TYR A 405 7.73 20.77 -23.75
C TYR A 405 7.90 22.06 -22.95
N HIS A 406 9.13 22.45 -22.71
CA HIS A 406 9.44 23.67 -21.99
C HIS A 406 8.86 24.85 -22.75
N ARG A 407 8.32 25.81 -22.00
CA ARG A 407 7.50 26.86 -22.60
C ARG A 407 8.28 28.03 -23.17
N THR A 408 9.55 28.12 -22.83
CA THR A 408 10.40 29.14 -23.45
C THR A 408 11.66 28.60 -24.15
N LYS A 409 12.07 27.39 -23.78
CA LYS A 409 13.34 26.83 -24.22
C LYS A 409 13.12 25.63 -25.14
N PRO A 410 13.22 25.84 -26.47
CA PRO A 410 12.96 24.75 -27.45
C PRO A 410 13.90 23.57 -27.27
N GLY A 411 13.36 22.37 -27.45
CA GLY A 411 14.10 21.13 -27.22
C GLY A 411 14.08 20.62 -25.78
N LEU A 412 13.81 21.51 -24.84
CA LEU A 412 13.75 21.14 -23.42
C LEU A 412 12.32 20.84 -22.96
N THR A 413 12.21 20.10 -21.86
CA THR A 413 10.92 19.84 -21.19
C THR A 413 10.84 20.53 -19.82
N GLU A 414 9.65 20.51 -19.20
CA GLU A 414 9.48 21.13 -17.87
C GLU A 414 9.64 20.10 -16.74
N ARG A 415 10.82 19.46 -16.70
CA ARG A 415 11.11 18.33 -15.80
C ARG A 415 12.04 18.74 -14.66
N LEU A 416 11.96 17.98 -13.56
CA LEU A 416 12.87 18.18 -12.43
C LEU A 416 13.23 16.83 -11.86
N GLU A 417 14.45 16.70 -11.37
CA GLU A 417 14.94 15.50 -10.70
C GLU A 417 15.70 15.97 -9.48
N MET A 418 15.53 15.28 -8.36
CA MET A 418 16.16 15.77 -7.13
C MET A 418 17.09 14.72 -6.61
N PHE A 419 18.24 15.17 -6.16
CA PHE A 419 19.34 14.30 -5.82
C PHE A 419 19.81 14.54 -4.41
N ILE A 420 20.02 13.45 -3.69
CA ILE A 420 20.65 13.56 -2.40
C ILE A 420 21.86 12.67 -2.54
N CYS A 421 23.01 13.23 -2.16
CA CYS A 421 24.27 12.51 -2.19
C CYS A 421 24.42 11.68 -3.46
N GLY A 422 24.31 12.32 -4.61
CA GLY A 422 24.58 11.68 -5.89
C GLY A 422 23.55 10.70 -6.40
N LYS A 423 22.56 10.39 -5.56
CA LYS A 423 21.52 9.42 -5.93
C LYS A 423 20.22 10.13 -6.21
N GLU A 424 19.49 9.63 -7.20
CA GLU A 424 18.21 10.20 -7.61
C GLU A 424 17.08 9.71 -6.69
N VAL A 425 16.34 10.62 -6.06
CA VAL A 425 15.19 10.19 -5.23
C VAL A 425 13.83 10.70 -5.71
N LEU A 426 13.83 11.71 -6.57
CA LEU A 426 12.60 12.31 -7.07
C LEU A 426 12.68 12.64 -8.57
N ASN A 427 11.67 12.19 -9.33
CA ASN A 427 11.54 12.52 -10.73
C ASN A 427 10.12 12.99 -11.00
N ALA A 428 10.01 14.25 -11.43
CA ALA A 428 8.74 14.95 -11.59
C ALA A 428 8.73 15.87 -12.82
N TYR A 429 7.54 16.29 -13.24
CA TYR A 429 7.41 17.21 -14.38
C TYR A 429 5.98 17.65 -14.72
N THR A 430 5.89 18.72 -15.53
CA THR A 430 4.64 19.09 -16.18
C THR A 430 4.30 18.01 -17.19
N GLU A 431 3.07 17.53 -17.15
CA GLU A 431 2.66 16.46 -18.03
C GLU A 431 2.26 16.92 -19.41
N LEU A 432 2.65 16.14 -20.40
CA LEU A 432 2.34 16.45 -21.77
C LEU A 432 0.92 16.01 -22.06
N ASN A 433 0.04 16.92 -22.45
CA ASN A 433 -1.33 16.52 -22.71
C ASN A 433 -1.84 16.67 -24.13
N ASP A 434 -0.98 17.11 -25.04
CA ASP A 434 -1.42 17.25 -26.41
C ASP A 434 -1.20 15.91 -27.04
N PRO A 435 -2.23 15.12 -27.13
CA PRO A 435 -2.00 13.77 -27.64
C PRO A 435 -1.30 13.75 -29.01
N PHE A 436 -1.33 14.88 -29.72
CA PHE A 436 -0.54 15.06 -30.93
C PHE A 436 0.96 15.00 -30.67
N LYS A 437 1.46 15.76 -29.69
CA LYS A 437 2.91 15.78 -29.38
C LYS A 437 3.43 14.50 -28.74
N GLN A 438 2.54 13.58 -28.40
CA GLN A 438 2.93 12.29 -27.89
C GLN A 438 3.20 11.44 -29.11
N LYS A 439 4.42 11.60 -29.63
CA LYS A 439 4.79 10.95 -30.89
C LYS A 439 5.37 9.58 -30.59
N ASP A 460 1.07 2.45 -24.72
CA ASP A 460 -0.24 1.87 -24.52
C ASP A 460 -1.31 2.58 -25.36
N SER A 461 -2.15 1.79 -26.01
CA SER A 461 -3.24 2.29 -26.84
C SER A 461 -4.36 2.83 -25.96
N ALA A 462 -4.59 2.18 -24.82
CA ALA A 462 -5.60 2.60 -23.84
C ALA A 462 -5.24 3.96 -23.28
N PHE A 463 -3.98 4.09 -22.85
CA PHE A 463 -3.46 5.36 -22.38
C PHE A 463 -3.52 6.48 -23.42
N CYS A 464 -3.02 6.22 -24.63
CA CYS A 464 -3.07 7.19 -25.71
C CYS A 464 -4.47 7.70 -25.99
N THR A 465 -5.43 6.77 -26.02
CA THR A 465 -6.83 7.11 -26.26
C THR A 465 -7.35 8.11 -25.23
N SER A 466 -7.05 7.86 -23.95
CA SER A 466 -7.50 8.74 -22.87
C SER A 466 -7.09 10.20 -23.07
N LEU A 467 -5.84 10.46 -23.43
CA LEU A 467 -5.39 11.83 -23.77
C LEU A 467 -6.28 12.53 -24.81
N GLU A 468 -6.86 11.75 -25.71
CA GLU A 468 -7.82 12.25 -26.68
C GLU A 468 -9.14 12.73 -26.03
N TYR A 469 -9.42 12.20 -24.85
CA TYR A 469 -10.62 12.60 -24.11
C TYR A 469 -10.36 13.82 -23.22
N GLY A 470 -9.11 14.21 -23.09
CA GLY A 470 -8.79 15.51 -22.52
C GLY A 470 -8.15 15.40 -21.19
N LEU A 471 -6.83 15.55 -21.16
CA LEU A 471 -6.10 15.56 -19.91
C LEU A 471 -5.74 16.99 -19.57
N PRO A 472 -6.27 17.51 -18.45
CA PRO A 472 -6.05 18.91 -18.09
C PRO A 472 -4.56 19.19 -17.81
N PRO A 473 -4.15 20.48 -17.77
CA PRO A 473 -2.84 20.79 -17.27
C PRO A 473 -2.56 20.07 -15.94
N THR A 474 -1.49 19.29 -15.88
CA THR A 474 -1.19 18.47 -14.72
C THR A 474 0.30 18.44 -14.39
N GLY A 475 0.60 18.44 -13.10
CA GLY A 475 1.92 18.17 -12.58
C GLY A 475 1.89 16.78 -11.99
N GLY A 476 3.07 16.21 -11.80
CA GLY A 476 3.18 14.78 -11.51
C GLY A 476 4.59 14.46 -11.07
N LEU A 477 4.70 13.65 -10.04
CA LEU A 477 5.94 13.51 -9.32
C LEU A 477 6.07 12.08 -8.85
N GLY A 478 7.31 11.61 -8.75
CA GLY A 478 7.59 10.26 -8.31
C GLY A 478 8.66 10.30 -7.24
N LEU A 479 8.57 9.39 -6.27
CA LEU A 479 9.58 9.28 -5.22
C LEU A 479 10.10 7.85 -5.13
N GLY A 480 11.37 7.71 -4.75
CA GLY A 480 11.94 6.43 -4.40
C GLY A 480 11.92 6.30 -2.89
N ILE A 481 10.93 5.58 -2.35
CA ILE A 481 10.75 5.47 -0.90
C ILE A 481 11.97 4.81 -0.26
N ASP A 482 12.46 3.73 -0.88
CA ASP A 482 13.60 2.97 -0.36
C ASP A 482 14.89 3.81 -0.30
N ARG A 483 15.11 4.70 -1.26
CA ARG A 483 16.31 5.53 -1.22
C ARG A 483 16.22 6.64 -0.18
N ILE A 484 15.09 7.34 -0.17
CA ILE A 484 14.81 8.37 0.83
C ILE A 484 15.03 7.81 2.24
N THR A 485 14.57 6.58 2.47
CA THR A 485 14.81 5.91 3.74
C THR A 485 16.30 5.67 4.06
N MET A 486 17.08 5.27 3.04
CA MET A 486 18.52 5.11 3.20
C MET A 486 19.18 6.36 3.75
N PHE A 487 18.83 7.50 3.18
CA PHE A 487 19.45 8.76 3.58
C PHE A 487 18.98 9.27 4.93
N LEU A 488 17.71 9.05 5.26
CA LEU A 488 17.17 9.50 6.55
C LEU A 488 17.45 8.52 7.71
N THR A 489 18.08 7.38 7.42
CA THR A 489 18.42 6.43 8.48
C THR A 489 19.92 6.15 8.55
N ASN A 490 20.70 6.95 7.81
CA ASN A 490 22.16 6.75 7.65
C ASN A 490 22.55 5.34 7.21
N LYS A 491 22.22 4.99 5.98
CA LYS A 491 22.43 3.64 5.49
C LYS A 491 23.10 3.59 4.12
N ASN A 492 24.11 2.74 4.01
CA ASN A 492 24.89 2.63 2.77
C ASN A 492 24.21 1.82 1.68
N SER A 493 23.24 1.01 2.07
CA SER A 493 22.73 -0.02 1.17
C SER A 493 21.21 -0.17 1.23
N ILE A 494 20.60 -0.24 0.06
CA ILE A 494 19.17 -0.36 -0.10
C ILE A 494 18.62 -1.56 0.67
N LYS A 495 19.47 -2.56 0.88
CA LYS A 495 19.06 -3.79 1.57
C LYS A 495 18.76 -3.53 3.06
N ASP A 496 19.46 -2.56 3.64
CA ASP A 496 19.27 -2.21 5.05
C ASP A 496 17.89 -1.63 5.35
N VAL A 497 17.18 -1.21 4.30
CA VAL A 497 15.91 -0.52 4.44
C VAL A 497 14.77 -1.33 3.84
N ILE A 498 15.05 -2.60 3.51
CA ILE A 498 14.04 -3.54 3.06
C ILE A 498 14.07 -4.71 4.03
N LEU A 499 12.89 -5.11 4.53
CA LEU A 499 12.85 -6.12 5.58
C LEU A 499 13.43 -7.45 5.13
N PHE A 500 12.92 -7.97 4.01
CA PHE A 500 13.45 -9.20 3.41
C PHE A 500 13.92 -9.00 1.98
N PRO A 501 15.06 -8.32 1.79
CA PRO A 501 15.56 -8.05 0.43
C PRO A 501 15.74 -9.35 -0.37
N THR A 502 15.56 -9.29 -1.69
CA THR A 502 15.66 -10.48 -2.55
C THR A 502 17.11 -10.93 -2.81
N MET A 503 17.45 -12.12 -2.29
CA MET A 503 18.83 -12.62 -2.22
C MET A 503 19.06 -13.81 -3.15
N ARG A 504 20.22 -14.24 -3.37
CA ARG A 504 20.59 -15.53 -3.94
C ARG A 504 20.44 -16.66 -2.88
N PRO A 505 19.86 -17.81 -3.28
CA PRO A 505 19.73 -18.97 -2.36
C PRO A 505 21.07 -19.57 -1.99
N PRO B 4 -21.10 12.10 -35.16
CA PRO B 4 -21.25 10.79 -35.79
C PRO B 4 -19.94 10.07 -36.02
N ARG B 5 -19.05 10.14 -35.02
CA ARG B 5 -17.76 9.44 -34.94
C ARG B 5 -16.60 9.97 -35.79
N LEU B 6 -16.88 10.99 -36.59
CA LEU B 6 -15.88 11.69 -37.40
C LEU B 6 -15.56 13.09 -36.80
N TYR B 7 -16.07 13.31 -35.60
CA TYR B 7 -15.91 14.49 -34.79
C TYR B 7 -14.45 14.67 -34.50
N PHE B 8 -13.82 13.57 -34.15
CA PHE B 8 -12.42 13.49 -33.87
C PHE B 8 -11.62 14.12 -34.97
N GLU B 9 -11.72 13.60 -36.19
CA GLU B 9 -10.88 14.23 -37.22
C GLU B 9 -11.13 15.74 -37.36
N ASN B 10 -12.40 16.14 -37.25
CA ASN B 10 -12.79 17.56 -37.18
C ASN B 10 -12.05 18.29 -36.07
N ARG B 11 -12.16 17.74 -34.86
CA ARG B 11 -11.60 18.35 -33.67
C ARG B 11 -10.10 18.42 -33.74
N SER B 12 -9.50 17.35 -34.29
CA SER B 12 -8.05 17.32 -34.46
C SER B 12 -7.59 18.41 -35.42
N LYS B 13 -8.34 18.59 -36.51
CA LYS B 13 -8.05 19.64 -37.49
C LYS B 13 -8.18 21.03 -36.90
N PHE B 14 -9.20 21.23 -36.06
CA PHE B 14 -9.44 22.50 -35.38
C PHE B 14 -8.27 22.85 -34.49
N ILE B 15 -7.79 21.86 -33.75
CA ILE B 15 -6.62 22.04 -32.89
C ILE B 15 -5.42 22.49 -33.71
N GLN B 16 -5.17 21.79 -34.82
CA GLN B 16 -4.05 22.13 -35.70
C GLN B 16 -4.22 23.52 -36.28
N ASP B 17 -5.45 23.86 -36.64
CA ASP B 17 -5.79 25.23 -37.08
C ASP B 17 -5.52 26.29 -36.00
N GLN B 18 -5.88 25.99 -34.75
CA GLN B 18 -5.58 26.85 -33.60
C GLN B 18 -4.09 27.13 -33.44
N LYS B 19 -3.30 26.07 -33.56
CA LYS B 19 -1.84 26.15 -33.58
C LYS B 19 -1.32 27.00 -34.74
N ASP B 20 -1.91 26.81 -35.92
CA ASP B 20 -1.51 27.55 -37.12
C ASP B 20 -1.81 29.06 -36.99
N LYS B 21 -2.94 29.38 -36.36
CA LYS B 21 -3.33 30.77 -36.09
C LYS B 21 -2.56 31.36 -34.90
N GLY B 22 -1.63 30.59 -34.35
CA GLY B 22 -0.76 31.05 -33.27
C GLY B 22 -1.27 30.83 -31.85
N ILE B 23 -2.52 30.38 -31.73
CA ILE B 23 -3.13 30.08 -30.44
C ILE B 23 -2.69 28.71 -29.91
N ASN B 24 -2.30 28.65 -28.65
CA ASN B 24 -1.98 27.37 -28.00
C ASN B 24 -3.22 26.79 -27.34
N PRO B 25 -3.63 25.60 -27.78
CA PRO B 25 -4.85 25.02 -27.23
C PRO B 25 -4.58 24.12 -26.02
N TYR B 26 -3.31 23.88 -25.71
CA TYR B 26 -2.92 23.12 -24.52
C TYR B 26 -1.93 23.98 -23.75
N PRO B 27 -2.44 25.03 -23.06
CA PRO B 27 -1.58 25.97 -22.34
C PRO B 27 -0.96 25.35 -21.07
N HIS B 28 0.17 25.91 -20.63
CA HIS B 28 1.02 25.28 -19.63
C HIS B 28 0.41 25.29 -18.22
N LYS B 29 0.05 26.46 -17.73
CA LYS B 29 -0.50 26.59 -16.39
C LYS B 29 -1.57 27.66 -16.37
N PHE B 30 -2.72 27.31 -15.81
CA PHE B 30 -3.78 28.28 -15.49
C PHE B 30 -3.86 28.33 -13.98
N GLU B 31 -3.75 29.53 -13.40
CA GLU B 31 -3.66 29.67 -11.95
C GLU B 31 -5.05 29.78 -11.31
N ARG B 32 -5.67 28.65 -10.99
CA ARG B 32 -6.99 28.68 -10.38
C ARG B 32 -6.94 29.07 -8.89
N THR B 33 -7.90 29.85 -8.46
CA THR B 33 -7.87 30.39 -7.12
C THR B 33 -8.88 29.70 -6.19
N ILE B 34 -9.74 28.86 -6.76
CA ILE B 34 -10.74 28.09 -6.01
C ILE B 34 -11.12 26.83 -6.79
N SER B 35 -11.55 25.78 -6.08
CA SER B 35 -12.03 24.58 -6.75
C SER B 35 -13.56 24.61 -6.77
N ILE B 36 -14.18 23.59 -7.36
CA ILE B 36 -15.64 23.59 -7.51
C ILE B 36 -16.38 23.21 -6.21
N PRO B 37 -15.95 22.11 -5.54
CA PRO B 37 -16.56 21.81 -4.24
C PRO B 37 -16.49 22.99 -3.27
N GLU B 38 -15.39 23.72 -3.28
CA GLU B 38 -15.24 24.91 -2.43
C GLU B 38 -16.21 26.02 -2.84
N PHE B 39 -16.35 26.23 -4.14
CA PHE B 39 -17.16 27.28 -4.74
C PHE B 39 -18.61 27.09 -4.35
N ILE B 40 -19.08 25.84 -4.34
CA ILE B 40 -20.45 25.55 -3.91
C ILE B 40 -20.58 25.74 -2.40
N GLU B 41 -19.56 25.34 -1.65
CA GLU B 41 -19.54 25.51 -0.21
C GLU B 41 -19.59 26.99 0.14
N LYS B 42 -18.82 27.78 -0.60
CA LYS B 42 -18.67 29.19 -0.29
C LYS B 42 -19.85 30.05 -0.80
N TYR B 43 -20.53 29.62 -1.86
CA TYR B 43 -21.49 30.51 -2.51
C TYR B 43 -22.95 30.06 -2.60
N LYS B 44 -23.28 28.95 -1.94
CA LYS B 44 -24.63 28.36 -2.05
C LYS B 44 -25.73 29.13 -1.30
N ASP B 45 -25.32 30.10 -0.48
CA ASP B 45 -26.26 30.84 0.34
C ASP B 45 -26.51 32.26 -0.16
N LEU B 46 -26.08 32.55 -1.38
CA LEU B 46 -26.46 33.78 -2.04
C LEU B 46 -27.94 33.70 -2.49
N GLY B 47 -28.63 34.84 -2.50
CA GLY B 47 -30.03 34.88 -2.92
C GLY B 47 -30.15 34.88 -4.43
N ASN B 48 -31.29 34.41 -4.93
CA ASN B 48 -31.56 34.36 -6.37
C ASN B 48 -31.21 35.66 -7.08
N GLY B 49 -30.63 35.55 -8.27
CA GLY B 49 -30.27 36.71 -9.08
C GLY B 49 -29.13 37.58 -8.56
N GLU B 50 -28.59 37.23 -7.39
CA GLU B 50 -27.54 38.03 -6.75
C GLU B 50 -26.19 37.79 -7.41
N HIS B 51 -25.46 38.88 -7.63
CA HIS B 51 -24.10 38.78 -8.14
C HIS B 51 -23.14 39.42 -7.16
N LEU B 52 -22.05 38.71 -6.89
CA LEU B 52 -20.94 39.25 -6.14
C LEU B 52 -20.02 39.88 -7.16
N GLU B 53 -20.46 41.04 -7.63
CA GLU B 53 -19.91 41.75 -8.79
C GLU B 53 -18.44 42.10 -8.64
N ASP B 54 -17.97 42.21 -7.39
CA ASP B 54 -16.60 42.62 -7.10
C ASP B 54 -15.72 41.51 -6.51
N THR B 55 -16.03 40.26 -6.89
CA THR B 55 -15.21 39.09 -6.56
C THR B 55 -14.74 38.36 -7.82
N ILE B 56 -13.55 38.69 -8.34
CA ILE B 56 -13.03 37.96 -9.48
C ILE B 56 -12.49 36.62 -8.99
N LEU B 57 -12.84 35.53 -9.70
CA LEU B 57 -12.34 34.16 -9.39
C LEU B 57 -11.79 33.47 -10.61
N ASN B 58 -10.73 32.70 -10.41
CA ASN B 58 -10.22 31.82 -11.46
C ASN B 58 -10.64 30.37 -11.16
N ILE B 59 -11.52 29.83 -12.00
CA ILE B 59 -12.08 28.52 -11.72
C ILE B 59 -11.97 27.58 -12.94
N THR B 60 -11.85 26.28 -12.69
CA THR B 60 -11.70 25.32 -13.78
C THR B 60 -12.56 24.08 -13.60
N GLY B 61 -12.96 23.51 -14.74
CA GLY B 61 -13.71 22.28 -14.74
C GLY B 61 -13.84 21.75 -16.16
N ARG B 62 -14.77 20.80 -16.33
CA ARG B 62 -15.01 20.16 -17.61
C ARG B 62 -16.43 20.42 -18.06
N ILE B 63 -16.56 20.90 -19.30
CA ILE B 63 -17.85 21.22 -19.88
C ILE B 63 -18.60 19.95 -20.24
N MET B 64 -19.85 19.85 -19.79
CA MET B 64 -20.60 18.62 -19.92
C MET B 64 -21.98 18.84 -20.51
N ARG B 65 -22.30 20.10 -20.81
CA ARG B 65 -23.47 20.45 -21.61
C ARG B 65 -23.34 21.86 -22.11
N VAL B 66 -23.21 22.01 -23.42
CA VAL B 66 -23.24 23.32 -24.05
C VAL B 66 -24.70 23.67 -24.39
N SER B 67 -25.30 24.54 -23.59
CA SER B 67 -26.76 24.75 -23.65
C SER B 67 -27.16 25.87 -24.61
N GLN B 71 -29.17 34.10 -28.49
CA GLN B 71 -28.30 34.96 -29.32
C GLN B 71 -26.97 35.38 -28.65
N LYS B 72 -27.04 36.30 -27.68
CA LYS B 72 -25.85 36.90 -27.09
C LYS B 72 -25.56 36.41 -25.65
N LEU B 73 -25.85 35.13 -25.40
CA LEU B 73 -25.80 34.54 -24.06
C LEU B 73 -25.64 33.01 -24.15
N ARG B 74 -24.80 32.41 -23.32
CA ARG B 74 -24.58 30.95 -23.37
C ARG B 74 -24.55 30.32 -21.98
N PHE B 75 -25.18 29.15 -21.83
CA PHE B 75 -25.11 28.40 -20.57
C PHE B 75 -24.19 27.22 -20.72
N PHE B 76 -23.61 26.77 -19.62
CA PHE B 76 -22.76 25.58 -19.61
C PHE B 76 -22.88 24.83 -18.31
N ASP B 77 -22.50 23.55 -18.33
CA ASP B 77 -22.39 22.75 -17.12
C ASP B 77 -20.91 22.50 -16.85
N LEU B 78 -20.43 22.95 -15.69
CA LEU B 78 -19.04 22.81 -15.35
C LEU B 78 -18.89 21.80 -14.25
N VAL B 79 -18.21 20.67 -14.50
CA VAL B 79 -18.04 19.67 -13.46
C VAL B 79 -16.61 19.69 -12.99
N GLY B 80 -16.41 19.23 -11.76
CA GLY B 80 -15.09 19.18 -11.14
C GLY B 80 -15.17 18.45 -9.82
N ASP B 81 -14.28 17.48 -9.61
CA ASP B 81 -14.28 16.65 -8.41
C ASP B 81 -15.65 16.07 -8.10
N GLY B 82 -16.51 16.02 -9.11
CA GLY B 82 -17.79 15.34 -9.00
C GLY B 82 -18.92 16.25 -8.59
N GLU B 83 -18.75 17.55 -8.86
CA GLU B 83 -19.80 18.51 -8.59
C GLU B 83 -19.89 19.52 -9.72
N LYS B 84 -21.11 19.92 -10.07
CA LYS B 84 -21.26 20.85 -11.15
C LYS B 84 -21.83 22.18 -10.73
N ILE B 85 -21.45 23.21 -11.47
CA ILE B 85 -22.05 24.52 -11.38
C ILE B 85 -22.38 24.91 -12.80
N GLN B 86 -23.06 26.05 -12.94
CA GLN B 86 -23.48 26.47 -14.25
C GLN B 86 -22.56 27.61 -14.64
N VAL B 87 -22.39 27.78 -15.95
CA VAL B 87 -21.63 28.90 -16.46
C VAL B 87 -22.61 29.73 -17.25
N LEU B 88 -22.68 31.02 -16.91
CA LEU B 88 -23.54 31.95 -17.60
C LEU B 88 -22.70 33.04 -18.27
N ALA B 89 -22.29 32.77 -19.50
CA ALA B 89 -21.50 33.73 -20.26
C ALA B 89 -22.46 34.69 -20.96
N ASN B 90 -22.18 35.98 -20.82
CA ASN B 90 -23.04 37.02 -21.33
C ASN B 90 -22.21 37.98 -22.17
N TYR B 91 -22.63 38.23 -23.41
CA TYR B 91 -21.99 39.25 -24.25
C TYR B 91 -21.68 40.58 -23.52
N SER B 92 -22.61 41.02 -22.66
CA SER B 92 -22.43 42.26 -21.90
C SER B 92 -21.29 42.20 -20.90
N PHE B 93 -21.06 41.03 -20.30
CA PHE B 93 -20.01 40.87 -19.29
C PHE B 93 -18.64 40.44 -19.78
N HIS B 94 -18.57 39.98 -21.03
CA HIS B 94 -17.36 39.47 -21.69
C HIS B 94 -16.35 40.57 -21.93
N ASN B 95 -15.12 40.38 -21.48
CA ASN B 95 -14.06 41.36 -21.74
C ASN B 95 -13.58 41.29 -23.20
N HIS B 96 -14.02 42.27 -23.99
CA HIS B 96 -13.89 42.23 -25.45
C HIS B 96 -12.46 42.41 -25.94
N GLU B 97 -11.59 42.89 -25.05
CA GLU B 97 -10.18 43.03 -25.35
C GLU B 97 -9.52 41.69 -25.64
N LYS B 98 -10.07 40.62 -25.07
CA LYS B 98 -9.52 39.29 -25.29
C LYS B 98 -10.06 38.63 -26.57
N GLY B 99 -11.02 39.28 -27.23
CA GLY B 99 -11.52 38.77 -28.52
C GLY B 99 -13.03 38.67 -28.70
N ASN B 100 -13.45 38.27 -29.90
CA ASN B 100 -14.87 38.23 -30.26
C ASN B 100 -15.66 37.17 -29.49
N PHE B 101 -16.46 37.64 -28.54
CA PHE B 101 -17.32 36.80 -27.70
C PHE B 101 -17.87 35.53 -28.34
N ALA B 102 -18.61 35.68 -29.44
CA ALA B 102 -19.24 34.51 -30.06
C ALA B 102 -18.23 33.60 -30.76
N GLU B 103 -17.12 34.16 -31.25
CA GLU B 103 -16.03 33.33 -31.79
C GLU B 103 -15.26 32.62 -30.68
N CYS B 104 -15.26 33.21 -29.48
CA CYS B 104 -14.63 32.57 -28.29
C CYS B 104 -15.42 31.35 -27.79
N TYR B 105 -16.75 31.43 -27.75
CA TYR B 105 -17.56 30.38 -27.15
C TYR B 105 -18.01 29.32 -28.15
N ASP B 106 -18.04 29.68 -29.43
CA ASP B 106 -18.38 28.74 -30.50
C ASP B 106 -17.32 27.66 -30.65
N LYS B 107 -16.15 27.89 -30.07
CA LYS B 107 -15.08 26.91 -30.07
C LYS B 107 -15.21 25.83 -28.96
N ILE B 108 -16.07 26.07 -27.96
CA ILE B 108 -16.16 25.18 -26.79
C ILE B 108 -17.09 23.97 -26.95
N ARG B 109 -16.51 22.77 -26.90
CA ARG B 109 -17.26 21.52 -27.01
C ARG B 109 -17.54 20.90 -25.64
N ARG B 110 -18.46 19.94 -25.62
CA ARG B 110 -18.71 19.10 -24.45
C ARG B 110 -17.50 18.19 -24.24
N GLY B 111 -17.05 18.10 -23.00
CA GLY B 111 -15.85 17.35 -22.68
C GLY B 111 -14.62 18.23 -22.54
N ASP B 112 -14.72 19.47 -23.02
CA ASP B 112 -13.58 20.36 -23.01
C ASP B 112 -13.28 20.81 -21.59
N ILE B 113 -11.99 20.96 -21.29
CA ILE B 113 -11.52 21.42 -19.98
C ILE B 113 -11.08 22.87 -20.12
N VAL B 114 -11.68 23.74 -19.30
CA VAL B 114 -11.52 25.18 -19.48
C VAL B 114 -11.09 25.95 -18.23
N GLY B 115 -10.51 27.12 -18.47
CA GLY B 115 -10.14 28.03 -17.41
C GLY B 115 -11.05 29.23 -17.49
N ILE B 116 -11.72 29.53 -16.37
CA ILE B 116 -12.73 30.60 -16.31
C ILE B 116 -12.30 31.70 -15.37
N VAL B 117 -12.30 32.94 -15.87
CA VAL B 117 -12.14 34.14 -15.04
C VAL B 117 -13.47 34.86 -14.97
N GLY B 118 -14.12 34.78 -13.81
CA GLY B 118 -15.45 35.35 -13.65
C GLY B 118 -15.79 35.72 -12.24
N PHE B 119 -17.06 36.05 -12.03
CA PHE B 119 -17.57 36.36 -10.69
C PHE B 119 -18.71 35.44 -10.31
N PRO B 120 -18.76 35.04 -9.02
CA PRO B 120 -19.73 34.08 -8.46
C PRO B 120 -21.10 34.72 -8.33
N GLY B 121 -22.15 34.01 -8.76
CA GLY B 121 -23.50 34.55 -8.70
C GLY B 121 -24.60 33.51 -8.78
N LYS B 122 -25.84 33.99 -8.89
CA LYS B 122 -27.04 33.14 -9.06
C LYS B 122 -28.00 33.66 -10.12
N SER B 123 -28.74 32.75 -10.75
CA SER B 123 -29.72 33.15 -11.75
C SER B 123 -31.05 33.52 -11.09
N LYS B 124 -31.97 34.04 -11.90
CA LYS B 124 -33.34 34.33 -11.47
C LYS B 124 -33.97 33.07 -10.86
N LYS B 125 -33.70 31.93 -11.49
CA LYS B 125 -34.19 30.63 -11.03
C LYS B 125 -33.60 30.22 -9.68
N GLY B 126 -32.49 30.84 -9.29
CA GLY B 126 -31.79 30.47 -8.06
C GLY B 126 -30.69 29.44 -8.30
N GLU B 127 -30.23 29.38 -9.55
CA GLU B 127 -29.17 28.46 -9.98
C GLU B 127 -27.81 29.04 -9.62
N LEU B 128 -27.04 28.35 -8.79
CA LEU B 128 -25.67 28.80 -8.48
C LEU B 128 -24.75 28.66 -9.69
N SER B 129 -24.16 29.78 -10.09
CA SER B 129 -23.40 29.85 -11.32
C SER B 129 -22.13 30.66 -11.15
N ILE B 130 -21.35 30.70 -12.23
CA ILE B 130 -20.19 31.58 -12.32
C ILE B 130 -20.38 32.37 -13.62
N PHE B 131 -20.05 33.65 -13.59
CA PHE B 131 -20.24 34.54 -14.74
C PHE B 131 -18.88 35.03 -15.26
N PRO B 132 -18.43 34.47 -16.40
CA PRO B 132 -17.07 34.77 -16.89
C PRO B 132 -16.94 36.07 -17.69
N LYS B 133 -15.80 36.75 -17.50
CA LYS B 133 -15.33 37.79 -18.40
C LYS B 133 -14.53 37.15 -19.55
N GLU B 134 -13.90 36.01 -19.24
CA GLU B 134 -12.85 35.43 -20.06
C GLU B 134 -12.93 33.91 -19.92
N THR B 135 -12.81 33.19 -21.03
CA THR B 135 -12.76 31.73 -20.99
C THR B 135 -11.69 31.23 -21.93
N ILE B 136 -10.79 30.41 -21.39
CA ILE B 136 -9.68 29.87 -22.16
C ILE B 136 -9.85 28.37 -22.23
N LEU B 137 -9.50 27.78 -23.39
CA LEU B 137 -9.41 26.31 -23.56
C LEU B 137 -8.06 25.78 -23.02
N LEU B 138 -8.14 24.87 -22.05
CA LEU B 138 -6.97 24.34 -21.36
C LEU B 138 -6.58 22.96 -21.90
N SER B 139 -7.59 22.16 -22.18
CA SER B 139 -7.43 20.80 -22.69
C SER B 139 -8.72 20.36 -23.38
N ALA B 140 -8.61 20.09 -24.67
CA ALA B 140 -9.80 19.83 -25.49
C ALA B 140 -10.14 18.36 -25.45
N CYS B 141 -11.43 18.05 -25.68
CA CYS B 141 -11.87 16.67 -25.77
C CYS B 141 -12.16 16.35 -27.23
N LEU B 142 -11.42 15.41 -27.80
CA LEU B 142 -11.51 15.20 -29.24
C LEU B 142 -12.60 14.20 -29.61
N HIS B 143 -12.86 13.23 -28.74
CA HIS B 143 -13.93 12.27 -29.02
C HIS B 143 -15.34 12.73 -28.62
N MET B 144 -16.31 12.02 -29.17
CA MET B 144 -17.72 12.22 -28.88
C MET B 144 -18.02 11.57 -27.54
N LEU B 145 -18.24 12.40 -26.51
CA LEU B 145 -18.50 11.85 -25.17
C LEU B 145 -19.91 11.26 -25.09
N PRO B 146 -20.03 10.06 -24.49
CA PRO B 146 -21.30 9.38 -24.26
C PRO B 146 -22.30 10.25 -23.49
N MET B 147 -23.59 10.11 -23.81
CA MET B 147 -24.60 10.93 -23.18
C MET B 147 -24.84 10.49 -21.73
N LYS B 148 -25.36 11.42 -20.92
CA LYS B 148 -25.63 11.19 -19.50
C LYS B 148 -26.59 10.02 -19.32
N TYR B 149 -26.08 8.93 -18.74
CA TYR B 149 -26.79 7.65 -18.66
C TYR B 149 -26.78 6.91 -20.02
N GLY B 150 -25.61 6.84 -20.65
CA GLY B 150 -25.46 6.12 -21.91
C GLY B 150 -24.51 4.96 -21.80
N LEU B 151 -24.13 4.63 -20.55
CA LEU B 151 -23.21 3.53 -20.23
C LEU B 151 -23.91 2.43 -19.43
N THR B 154 -21.73 -1.22 -19.47
CA THR B 154 -21.36 -2.48 -20.11
C THR B 154 -19.89 -2.92 -19.87
N GLU B 155 -19.10 -2.97 -20.95
CA GLU B 155 -17.69 -3.39 -20.91
C GLU B 155 -16.78 -2.25 -21.35
N ILE B 156 -17.36 -1.09 -21.60
CA ILE B 156 -16.63 0.15 -21.80
C ILE B 156 -16.16 0.62 -20.43
N ARG B 157 -17.01 0.41 -19.43
CA ARG B 157 -16.75 0.86 -18.05
C ARG B 157 -15.44 0.35 -17.46
N TYR B 158 -15.10 -0.90 -17.77
CA TYR B 158 -13.95 -1.56 -17.16
C TYR B 158 -12.62 -1.26 -17.86
N ARG B 159 -12.67 -1.04 -19.17
CA ARG B 159 -11.47 -0.72 -19.95
C ARG B 159 -11.19 0.79 -19.95
N GLN B 160 -12.19 1.55 -20.39
CA GLN B 160 -12.18 2.99 -20.28
C GLN B 160 -12.87 3.45 -18.97
N ARG B 161 -12.21 3.18 -17.85
CA ARG B 161 -12.70 3.55 -16.54
C ARG B 161 -12.90 5.05 -16.38
N TYR B 162 -11.99 5.85 -16.93
CA TYR B 162 -12.12 7.29 -16.86
C TYR B 162 -13.46 7.76 -17.39
N LEU B 163 -13.98 7.06 -18.39
CA LEU B 163 -15.28 7.40 -18.96
C LEU B 163 -16.40 7.09 -17.97
N ASP B 164 -16.31 5.93 -17.31
CA ASP B 164 -17.23 5.55 -16.24
C ASP B 164 -17.29 6.66 -15.18
N LEU B 165 -16.11 7.04 -14.70
CA LEU B 165 -15.94 8.00 -13.63
C LEU B 165 -16.49 9.37 -13.95
N LEU B 166 -16.43 9.74 -15.23
CA LEU B 166 -16.91 11.04 -15.70
C LEU B 166 -18.42 11.13 -15.90
N ILE B 167 -19.03 10.06 -16.42
CA ILE B 167 -20.44 10.10 -16.74
C ILE B 167 -21.33 9.54 -15.61
N ASN B 168 -21.00 8.34 -15.12
CA ASN B 168 -21.85 7.65 -14.14
C ASN B 168 -21.55 8.06 -12.70
N GLU B 169 -22.53 8.73 -12.08
CA GLU B 169 -22.29 9.52 -10.87
C GLU B 169 -21.99 8.67 -9.64
N SER B 170 -22.48 7.44 -9.64
CA SER B 170 -22.28 6.52 -8.54
C SER B 170 -20.92 5.83 -8.61
N SER B 171 -20.34 5.81 -9.80
CA SER B 171 -19.06 5.16 -10.00
C SER B 171 -17.97 5.81 -9.14
N ARG B 172 -17.97 7.14 -9.06
CA ARG B 172 -17.00 7.84 -8.22
C ARG B 172 -17.20 7.45 -6.75
N HIS B 173 -18.47 7.31 -6.37
CA HIS B 173 -18.83 6.94 -5.03
C HIS B 173 -18.18 5.62 -4.66
N THR B 174 -18.38 4.62 -5.51
CA THR B 174 -17.79 3.29 -5.30
C THR B 174 -16.33 3.37 -4.90
N PHE B 175 -15.56 4.19 -5.60
CA PHE B 175 -14.14 4.16 -5.38
C PHE B 175 -13.67 5.07 -4.29
N VAL B 176 -14.50 6.06 -3.97
CA VAL B 176 -14.25 6.95 -2.85
C VAL B 176 -14.51 6.12 -1.58
N THR B 177 -15.60 5.36 -1.59
CA THR B 177 -15.92 4.47 -0.49
C THR B 177 -14.76 3.51 -0.26
N ARG B 178 -14.28 2.93 -1.35
CA ARG B 178 -13.23 1.92 -1.31
C ARG B 178 -12.04 2.43 -0.53
N THR B 179 -11.68 3.68 -0.76
CA THR B 179 -10.52 4.26 -0.09
C THR B 179 -10.83 4.58 1.38
N LYS B 180 -12.04 5.09 1.65
CA LYS B 180 -12.51 5.32 3.02
C LYS B 180 -12.42 4.00 3.83
N ILE B 181 -12.81 2.89 3.20
CA ILE B 181 -12.64 1.55 3.81
C ILE B 181 -11.19 1.24 4.22
N ILE B 182 -10.25 1.52 3.34
CA ILE B 182 -8.86 1.15 3.60
C ILE B 182 -8.29 2.09 4.63
N ASN B 183 -8.49 3.40 4.42
CA ASN B 183 -8.16 4.43 5.40
C ASN B 183 -8.65 4.08 6.82
N PHE B 184 -9.90 3.62 6.95
CA PHE B 184 -10.42 3.11 8.21
C PHE B 184 -9.55 2.00 8.76
N LEU B 185 -9.57 0.85 8.10
CA LEU B 185 -8.71 -0.29 8.43
C LEU B 185 -7.28 0.09 8.86
N ARG B 186 -6.66 1.00 8.11
CA ARG B 186 -5.32 1.47 8.47
C ARG B 186 -5.34 2.09 9.87
N ASN B 187 -6.27 3.02 10.11
CA ASN B 187 -6.38 3.70 11.41
C ASN B 187 -6.77 2.73 12.54
N PHE B 188 -7.78 1.90 12.28
CA PHE B 188 -8.24 0.93 13.27
C PHE B 188 -7.08 0.11 13.81
N LEU B 189 -6.14 -0.23 12.94
CA LEU B 189 -4.98 -1.00 13.34
C LEU B 189 -3.92 -0.14 14.00
N ASN B 190 -3.72 1.06 13.46
CA ASN B 190 -2.65 1.92 13.94
C ASN B 190 -2.92 2.40 15.34
N GLU B 191 -4.19 2.75 15.60
CA GLU B 191 -4.69 3.14 16.92
C GLU B 191 -4.50 2.03 17.94
N ARG B 192 -4.74 0.79 17.51
CA ARG B 192 -4.55 -0.37 18.35
C ARG B 192 -3.11 -0.84 18.46
N GLY B 193 -2.16 0.04 18.20
CA GLY B 193 -0.75 -0.25 18.44
C GLY B 193 0.00 -0.92 17.29
N PHE B 194 -0.73 -1.25 16.22
CA PHE B 194 -0.19 -2.00 15.09
C PHE B 194 0.81 -1.22 14.21
N PHE B 195 1.70 -1.98 13.55
CA PHE B 195 2.87 -1.44 12.87
C PHE B 195 2.97 -1.91 11.40
N GLU B 196 2.63 -1.02 10.46
CA GLU B 196 2.57 -1.39 9.02
C GLU B 196 3.92 -1.63 8.34
N VAL B 197 4.10 -2.85 7.83
CA VAL B 197 5.35 -3.21 7.14
C VAL B 197 5.15 -3.61 5.67
N GLU B 198 6.25 -3.59 4.91
CA GLU B 198 6.27 -4.15 3.55
C GLU B 198 7.06 -5.42 3.52
N THR B 199 6.48 -6.46 2.94
CA THR B 199 7.16 -7.75 2.69
C THR B 199 7.24 -8.03 1.19
N PRO B 200 8.18 -8.90 0.75
CA PRO B 200 8.44 -9.07 -0.67
C PRO B 200 7.27 -9.70 -1.39
N MET B 201 6.96 -9.20 -2.58
CA MET B 201 5.92 -9.78 -3.43
C MET B 201 6.41 -10.97 -4.25
N MET B 202 7.73 -11.12 -4.38
CA MET B 202 8.35 -12.22 -5.13
C MET B 202 9.21 -13.07 -4.21
N ASN B 203 9.09 -14.39 -4.34
CA ASN B 203 9.81 -15.32 -3.43
C ASN B 203 10.25 -16.60 -4.13
N LEU B 204 10.99 -17.43 -3.39
CA LEU B 204 11.35 -18.78 -3.83
C LEU B 204 10.21 -19.79 -3.63
N ILE B 205 9.30 -19.52 -2.68
CA ILE B 205 8.12 -20.37 -2.45
C ILE B 205 6.78 -19.75 -2.90
N ASN B 210 -3.00 -22.46 0.07
CA ASN B 210 -2.98 -23.47 -0.98
C ASN B 210 -3.70 -22.86 -2.16
N ALA B 211 -2.94 -22.58 -3.21
CA ALA B 211 -3.43 -21.99 -4.45
C ALA B 211 -2.31 -22.04 -5.47
N ARG B 212 -2.68 -22.15 -6.74
CA ARG B 212 -1.63 -22.20 -7.78
C ARG B 212 -1.02 -20.82 -8.03
N PRO B 213 0.33 -20.71 -8.02
CA PRO B 213 0.98 -19.40 -8.05
C PRO B 213 1.31 -18.86 -9.46
N PHE B 214 1.51 -17.55 -9.56
CA PHE B 214 2.06 -16.92 -10.76
C PHE B 214 3.58 -17.07 -10.76
N ILE B 215 4.16 -17.53 -11.88
CA ILE B 215 5.61 -17.67 -11.97
C ILE B 215 6.24 -16.70 -12.97
N THR B 216 7.33 -16.07 -12.54
CA THR B 216 8.05 -15.06 -13.31
C THR B 216 9.57 -15.22 -13.13
N HIS B 217 10.36 -14.64 -14.02
CA HIS B 217 11.80 -14.90 -14.09
C HIS B 217 12.63 -13.67 -13.76
N HIS B 218 13.46 -13.77 -12.74
CA HIS B 218 14.43 -12.69 -12.47
C HIS B 218 15.67 -12.85 -13.35
N ASN B 219 15.99 -11.81 -14.12
CA ASN B 219 17.15 -11.86 -15.01
C ASN B 219 18.48 -11.89 -14.28
N ASP B 220 18.82 -10.81 -13.57
CA ASP B 220 20.13 -10.69 -12.90
C ASP B 220 20.44 -11.72 -11.78
N LEU B 221 19.45 -12.54 -11.44
CA LEU B 221 19.66 -13.70 -10.56
C LEU B 221 19.45 -15.01 -11.33
N ASP B 222 19.03 -14.89 -12.59
CA ASP B 222 18.72 -16.04 -13.46
C ASP B 222 18.01 -17.14 -12.68
N LEU B 223 16.87 -16.76 -12.09
CA LEU B 223 16.07 -17.67 -11.27
C LEU B 223 14.59 -17.37 -11.46
N ASP B 224 13.80 -18.43 -11.54
CA ASP B 224 12.34 -18.32 -11.54
C ASP B 224 11.79 -18.03 -10.15
N LEU B 225 11.05 -16.94 -10.02
CA LEU B 225 10.42 -16.62 -8.74
C LEU B 225 8.89 -16.83 -8.76
N TYR B 226 8.31 -16.84 -7.57
CA TYR B 226 6.88 -17.02 -7.37
C TYR B 226 6.32 -15.78 -6.72
N LEU B 227 5.33 -15.18 -7.38
CA LEU B 227 4.58 -14.08 -6.79
C LEU B 227 3.69 -14.61 -5.66
N ARG B 228 3.73 -13.88 -4.52
CA ARG B 228 3.12 -14.30 -3.25
C ARG B 228 1.63 -14.55 -3.34
N ILE B 229 1.19 -15.58 -2.63
CA ILE B 229 -0.23 -15.94 -2.56
C ILE B 229 -0.89 -15.46 -1.26
N ALA B 230 -0.06 -14.98 -0.33
CA ALA B 230 -0.50 -14.43 0.93
C ALA B 230 0.70 -13.71 1.50
N THR B 231 0.58 -13.25 2.74
CA THR B 231 1.66 -12.50 3.38
C THR B 231 2.02 -13.12 4.73
N GLU B 232 1.57 -14.36 4.92
CA GLU B 232 1.58 -15.05 6.24
C GLU B 232 2.95 -15.28 6.82
N LEU B 233 3.75 -16.04 6.08
CA LEU B 233 5.06 -16.49 6.57
C LEU B 233 6.06 -15.36 6.89
N PRO B 234 6.16 -14.33 6.00
CA PRO B 234 7.13 -13.29 6.33
C PRO B 234 6.64 -12.46 7.52
N LEU B 235 5.33 -12.30 7.60
CA LEU B 235 4.72 -11.59 8.72
C LEU B 235 4.97 -12.30 10.04
N LYS B 236 4.67 -13.60 10.10
CA LYS B 236 4.97 -14.39 11.32
C LYS B 236 6.42 -14.31 11.75
N MET B 237 7.32 -14.31 10.77
CA MET B 237 8.76 -14.13 11.02
C MET B 237 9.04 -12.82 11.76
N LEU B 238 8.27 -11.78 11.47
CA LEU B 238 8.47 -10.49 12.14
C LEU B 238 8.02 -10.53 13.60
N ILE B 239 7.02 -11.36 13.90
CA ILE B 239 6.58 -11.62 15.28
C ILE B 239 7.74 -12.26 16.06
N VAL B 240 8.41 -13.21 15.40
CA VAL B 240 9.65 -13.80 15.90
C VAL B 240 10.70 -12.71 16.16
N GLY B 241 10.66 -11.65 15.36
CA GLY B 241 11.63 -10.57 15.49
C GLY B 241 11.35 -9.61 16.62
N GLY B 242 10.15 -9.72 17.20
CA GLY B 242 9.73 -8.86 18.31
C GLY B 242 8.84 -7.69 17.91
N ILE B 243 8.39 -7.68 16.65
CA ILE B 243 7.39 -6.71 16.20
C ILE B 243 6.03 -7.33 16.48
N ASP B 244 5.60 -7.18 17.74
CA ASP B 244 4.49 -7.94 18.34
C ASP B 244 3.14 -7.73 17.70
N LYS B 245 2.93 -6.53 17.16
CA LYS B 245 1.71 -6.20 16.42
C LYS B 245 2.09 -5.71 15.03
N VAL B 246 1.80 -6.53 14.03
CA VAL B 246 2.28 -6.25 12.68
C VAL B 246 1.23 -6.53 11.62
N TYR B 247 1.24 -5.71 10.57
CA TYR B 247 0.26 -5.84 9.51
C TYR B 247 0.72 -5.30 8.15
N GLU B 248 0.09 -5.82 7.11
CA GLU B 248 0.35 -5.36 5.78
C GLU B 248 -0.90 -5.47 4.92
N ILE B 249 -1.22 -4.34 4.28
CA ILE B 249 -2.27 -4.27 3.26
C ILE B 249 -1.53 -4.22 1.94
N GLY B 250 -1.92 -5.08 1.01
CA GLY B 250 -1.23 -5.16 -0.28
C GLY B 250 -1.83 -6.16 -1.24
N LYS B 251 -1.37 -6.11 -2.48
CA LYS B 251 -1.76 -7.06 -3.56
C LYS B 251 -1.14 -8.43 -3.34
N VAL B 252 -1.87 -9.45 -3.79
CA VAL B 252 -1.47 -10.85 -3.72
C VAL B 252 -2.03 -11.52 -4.96
N PHE B 253 -1.36 -12.58 -5.41
CA PHE B 253 -1.67 -13.11 -6.72
C PHE B 253 -1.94 -14.61 -6.68
N ARG B 254 -3.08 -15.00 -7.21
CA ARG B 254 -3.42 -16.40 -7.29
C ARG B 254 -3.79 -16.67 -8.72
N ASN B 255 -3.28 -17.76 -9.27
CA ASN B 255 -3.41 -18.11 -10.68
C ASN B 255 -4.61 -18.92 -11.07
N GLU B 256 -5.63 -18.92 -10.22
CA GLU B 256 -6.84 -19.66 -10.48
C GLU B 256 -7.82 -18.93 -11.41
N GLY B 257 -9.02 -19.48 -11.53
CA GLY B 257 -10.04 -18.91 -12.40
C GLY B 257 -10.66 -17.61 -11.92
N ILE B 258 -11.36 -16.94 -12.83
CA ILE B 258 -12.01 -15.67 -12.58
C ILE B 258 -13.52 -15.67 -12.61
N ASP B 259 -14.13 -14.94 -11.68
CA ASP B 259 -15.60 -14.79 -11.69
C ASP B 259 -15.97 -13.53 -10.95
N ASN B 260 -17.25 -13.43 -10.60
CA ASN B 260 -17.80 -12.26 -9.90
C ASN B 260 -17.19 -11.99 -8.53
N THR B 261 -16.73 -13.06 -7.88
CA THR B 261 -16.06 -12.93 -6.60
C THR B 261 -14.56 -13.23 -6.64
N HIS B 262 -14.02 -13.52 -7.83
CA HIS B 262 -12.61 -13.90 -7.97
C HIS B 262 -11.88 -13.13 -9.04
N ASN B 263 -10.71 -12.60 -8.67
CA ASN B 263 -9.84 -11.89 -9.60
C ASN B 263 -8.39 -12.20 -9.24
N PRO B 264 -7.60 -12.67 -10.23
CA PRO B 264 -6.21 -13.14 -10.11
C PRO B 264 -5.31 -12.27 -9.23
N GLU B 265 -5.43 -10.95 -9.34
CA GLU B 265 -4.79 -10.03 -8.39
C GLU B 265 -5.81 -9.23 -7.54
N PHE B 266 -5.65 -9.29 -6.22
CA PHE B 266 -6.62 -8.70 -5.28
C PHE B 266 -5.99 -8.18 -3.98
N THR B 267 -6.66 -7.22 -3.33
CA THR B 267 -6.10 -6.59 -2.13
C THR B 267 -6.42 -7.39 -0.88
N SER B 268 -5.42 -7.58 -0.04
CA SER B 268 -5.60 -8.30 1.21
C SER B 268 -4.84 -7.63 2.34
N CYS B 269 -5.45 -7.70 3.51
CA CYS B 269 -4.80 -7.23 4.70
C CYS B 269 -4.67 -8.39 5.68
N GLU B 270 -3.46 -8.62 6.14
CA GLU B 270 -3.19 -9.59 7.19
C GLU B 270 -2.48 -8.92 8.34
N PHE B 271 -2.90 -9.28 9.56
CA PHE B 271 -2.22 -8.79 10.75
C PHE B 271 -1.94 -9.93 11.69
N TYR B 272 -0.90 -9.76 12.50
CA TYR B 272 -0.53 -10.76 13.46
C TYR B 272 -0.33 -10.11 14.81
N TRP B 273 -1.15 -10.57 15.74
CA TRP B 273 -1.28 -10.04 17.08
C TRP B 273 -0.64 -11.01 18.04
N ALA B 274 0.53 -10.67 18.57
CA ALA B 274 1.20 -11.52 19.54
C ALA B 274 0.44 -11.53 20.86
N TYR B 275 0.43 -12.70 21.50
CA TYR B 275 -0.23 -12.95 22.80
C TYR B 275 -1.77 -13.03 22.74
N ALA B 276 -2.33 -12.79 21.56
CA ALA B 276 -3.76 -12.98 21.31
C ALA B 276 -4.09 -14.38 20.81
N ASP B 277 -5.37 -14.64 20.57
CA ASP B 277 -5.86 -15.98 20.19
C ASP B 277 -7.31 -15.93 19.65
N TYR B 278 -7.79 -17.06 19.11
CA TYR B 278 -9.13 -17.17 18.51
C TYR B 278 -10.16 -16.17 19.06
N ASN B 279 -10.39 -16.19 20.37
CA ASN B 279 -11.46 -15.39 20.98
C ASN B 279 -11.24 -13.88 20.85
N ASP B 280 -9.99 -13.45 21.03
CA ASP B 280 -9.59 -12.06 20.81
C ASP B 280 -9.87 -11.62 19.38
N LEU B 281 -9.69 -12.55 18.43
CA LEU B 281 -9.85 -12.26 17.01
C LEU B 281 -11.32 -12.22 16.62
N ILE B 282 -12.11 -13.08 17.24
CA ILE B 282 -13.55 -13.00 17.08
C ILE B 282 -14.08 -11.64 17.55
N LYS B 283 -13.66 -11.20 18.75
CA LYS B 283 -13.98 -9.84 19.25
C LYS B 283 -13.53 -8.80 18.25
N TRP B 284 -12.25 -8.87 17.83
CA TRP B 284 -11.71 -7.95 16.83
C TRP B 284 -12.61 -7.82 15.60
N SER B 285 -12.97 -8.96 15.00
CA SER B 285 -13.75 -8.98 13.76
C SER B 285 -15.07 -8.31 13.95
N GLU B 286 -15.75 -8.68 15.04
CA GLU B 286 -17.05 -8.14 15.36
C GLU B 286 -16.92 -6.64 15.57
N ASP B 287 -15.95 -6.24 16.37
CA ASP B 287 -15.74 -4.82 16.61
C ASP B 287 -15.48 -4.04 15.33
N PHE B 288 -14.57 -4.58 14.50
CA PHE B 288 -14.16 -3.89 13.28
C PHE B 288 -15.30 -3.74 12.30
N PHE B 289 -16.07 -4.80 12.07
CA PHE B 289 -17.05 -4.75 10.98
C PHE B 289 -18.20 -3.84 11.29
N SER B 290 -18.75 -4.02 12.49
CA SER B 290 -19.82 -3.18 13.04
C SER B 290 -19.46 -1.70 13.01
N GLN B 291 -18.25 -1.37 13.49
CA GLN B 291 -17.78 0.02 13.49
C GLN B 291 -17.60 0.58 12.08
N LEU B 292 -17.11 -0.24 11.16
CA LEU B 292 -16.77 0.22 9.81
C LEU B 292 -18.04 0.59 9.12
N VAL B 293 -19.02 -0.31 9.18
CA VAL B 293 -20.31 -0.05 8.57
C VAL B 293 -20.97 1.19 9.14
N TYR B 294 -20.77 1.40 10.45
CA TYR B 294 -21.36 2.55 11.11
C TYR B 294 -20.65 3.82 10.72
N HIS B 295 -19.33 3.74 10.65
CA HIS B 295 -18.51 4.83 10.12
C HIS B 295 -18.97 5.30 8.73
N LEU B 296 -19.52 4.37 7.93
CA LEU B 296 -19.91 4.71 6.55
C LEU B 296 -21.42 4.91 6.37
N PHE B 297 -22.21 4.45 7.32
CA PHE B 297 -23.66 4.56 7.12
C PHE B 297 -24.49 5.16 8.27
N GLY B 298 -23.87 5.37 9.42
CA GLY B 298 -24.59 5.82 10.61
C GLY B 298 -25.61 4.80 11.13
N THR B 299 -25.44 3.55 10.72
CA THR B 299 -26.29 2.43 11.12
C THR B 299 -25.54 1.14 10.86
N TYR B 300 -25.87 0.07 11.59
CA TYR B 300 -25.21 -1.23 11.45
C TYR B 300 -25.97 -2.04 10.41
N LYS B 301 -26.88 -1.38 9.72
CA LYS B 301 -27.74 -2.07 8.79
C LYS B 301 -27.60 -1.42 7.44
N ILE B 302 -27.44 -2.26 6.42
CA ILE B 302 -27.42 -1.78 5.04
C ILE B 302 -28.36 -2.60 4.16
N SER B 303 -28.77 -1.96 3.07
CA SER B 303 -29.47 -2.62 1.95
C SER B 303 -28.42 -3.29 1.04
N TYR B 304 -28.80 -4.37 0.39
CA TYR B 304 -27.89 -5.08 -0.54
C TYR B 304 -28.60 -5.97 -1.56
N ASN B 305 -28.53 -5.56 -2.83
CA ASN B 305 -29.09 -6.34 -3.93
C ASN B 305 -28.24 -7.60 -4.20
N LYS B 306 -28.62 -8.69 -3.53
CA LYS B 306 -27.92 -9.96 -3.67
C LYS B 306 -28.17 -10.50 -5.10
N ASP B 307 -29.39 -10.36 -5.58
CA ASP B 307 -29.79 -10.94 -6.85
C ASP B 307 -29.72 -9.96 -8.01
N GLY B 308 -29.50 -8.68 -7.69
CA GLY B 308 -29.26 -7.67 -8.71
C GLY B 308 -30.07 -6.40 -8.53
N PRO B 309 -29.72 -5.34 -9.29
CA PRO B 309 -30.45 -4.07 -9.23
C PRO B 309 -31.88 -4.16 -9.79
N GLU B 310 -32.20 -5.25 -10.47
CA GLU B 310 -33.57 -5.48 -10.94
C GLU B 310 -34.41 -6.20 -9.89
N ASN B 311 -33.77 -7.02 -9.06
CA ASN B 311 -34.47 -7.79 -8.02
C ASN B 311 -34.50 -7.09 -6.67
N GLN B 312 -35.43 -7.52 -5.82
CA GLN B 312 -35.56 -6.95 -4.49
C GLN B 312 -34.26 -7.13 -3.68
N PRO B 313 -33.81 -6.07 -2.99
CA PRO B 313 -32.61 -6.21 -2.15
C PRO B 313 -32.89 -6.85 -0.80
N ILE B 314 -31.86 -7.46 -0.22
CA ILE B 314 -31.96 -8.01 1.14
C ILE B 314 -31.32 -7.03 2.14
N GLU B 315 -31.59 -7.23 3.42
CA GLU B 315 -31.05 -6.35 4.45
C GLU B 315 -30.03 -7.13 5.27
N ILE B 316 -28.86 -6.54 5.51
CA ILE B 316 -27.79 -7.18 6.29
C ILE B 316 -27.56 -6.38 7.55
N ASP B 317 -27.62 -7.08 8.68
CA ASP B 317 -27.51 -6.48 9.99
C ASP B 317 -26.15 -6.78 10.57
N PHE B 318 -25.35 -5.73 10.77
CA PHE B 318 -23.98 -5.87 11.26
C PHE B 318 -23.85 -5.66 12.75
N THR B 319 -24.96 -5.79 13.47
CA THR B 319 -24.92 -5.63 14.92
C THR B 319 -24.26 -6.85 15.56
N PRO B 320 -23.11 -6.66 16.23
CA PRO B 320 -22.47 -7.75 16.95
C PRO B 320 -23.27 -8.14 18.20
N PRO B 321 -23.11 -9.39 18.69
CA PRO B 321 -22.22 -10.41 18.15
C PRO B 321 -22.87 -11.12 16.96
N TYR B 322 -22.06 -11.87 16.23
CA TYR B 322 -22.55 -12.61 15.06
C TYR B 322 -22.54 -14.11 15.33
N PRO B 323 -23.39 -14.85 14.62
CA PRO B 323 -23.56 -16.26 14.84
C PRO B 323 -22.26 -17.07 14.58
N LYS B 324 -21.94 -18.03 15.46
CA LYS B 324 -20.81 -18.97 15.29
C LYS B 324 -21.33 -20.36 14.92
N VAL B 325 -20.86 -20.91 13.80
CA VAL B 325 -21.26 -22.26 13.37
C VAL B 325 -20.04 -23.16 13.24
N SER B 326 -20.05 -24.29 13.96
CA SER B 326 -18.91 -25.22 13.93
C SER B 326 -18.98 -26.12 12.70
N ILE B 327 -17.91 -26.13 11.91
CA ILE B 327 -17.84 -26.84 10.60
C ILE B 327 -18.27 -28.32 10.65
N VAL B 328 -17.69 -29.09 11.57
CA VAL B 328 -17.96 -30.54 11.67
C VAL B 328 -19.38 -30.81 12.16
N GLU B 329 -19.68 -30.40 13.39
CA GLU B 329 -21.01 -30.54 14.01
C GLU B 329 -22.15 -30.23 13.05
N GLU B 330 -22.07 -29.06 12.41
CA GLU B 330 -23.12 -28.59 11.51
C GLU B 330 -23.39 -29.53 10.33
N ILE B 331 -22.33 -29.96 9.65
CA ILE B 331 -22.47 -30.91 8.53
C ILE B 331 -23.09 -32.23 8.98
N GLU B 332 -22.61 -32.74 10.12
CA GLU B 332 -23.19 -33.91 10.79
C GLU B 332 -24.70 -33.72 11.00
N LYS B 333 -25.06 -32.63 11.68
CA LYS B 333 -26.44 -32.27 12.00
C LYS B 333 -27.31 -32.06 10.75
N VAL B 334 -26.75 -31.48 9.69
CA VAL B 334 -27.54 -31.23 8.47
C VAL B 334 -27.77 -32.52 7.69
N THR B 335 -26.90 -33.51 7.86
CA THR B 335 -27.00 -34.75 7.08
C THR B 335 -27.46 -35.97 7.90
N ASN B 336 -27.58 -35.79 9.22
CA ASN B 336 -27.86 -36.90 10.14
C ASN B 336 -26.73 -37.94 10.17
N THR B 337 -25.64 -37.63 9.48
CA THR B 337 -24.47 -38.51 9.37
C THR B 337 -23.46 -38.11 10.44
N ILE B 338 -22.66 -39.08 10.89
CA ILE B 338 -21.51 -38.81 11.76
C ILE B 338 -20.24 -39.11 10.98
N LEU B 339 -19.24 -38.23 11.11
CA LEU B 339 -17.96 -38.37 10.40
C LEU B 339 -16.80 -38.72 11.34
N GLU B 340 -16.39 -39.99 11.28
CA GLU B 340 -15.35 -40.52 12.17
C GLU B 340 -13.97 -40.01 11.79
N GLN B 341 -13.17 -39.74 12.81
CA GLN B 341 -11.77 -39.37 12.63
C GLN B 341 -10.88 -40.61 12.60
N PRO B 342 -9.78 -40.59 11.79
CA PRO B 342 -9.33 -39.49 10.92
C PRO B 342 -10.28 -39.25 9.74
N PHE B 343 -10.39 -38.00 9.32
CA PHE B 343 -11.27 -37.60 8.22
C PHE B 343 -10.79 -38.14 6.87
N ASP B 344 -9.47 -38.37 6.78
CA ASP B 344 -8.83 -38.95 5.60
C ASP B 344 -8.90 -40.49 5.53
N SER B 345 -9.54 -41.12 6.52
CA SER B 345 -9.71 -42.58 6.53
C SER B 345 -10.68 -43.02 5.43
N ASN B 346 -10.48 -44.25 4.93
CA ASN B 346 -11.25 -44.78 3.80
C ASN B 346 -12.75 -44.91 4.09
N GLU B 347 -13.09 -45.25 5.33
CA GLU B 347 -14.48 -45.33 5.75
C GLU B 347 -15.16 -43.95 5.68
N THR B 348 -14.48 -42.92 6.20
CA THR B 348 -15.05 -41.57 6.27
C THR B 348 -15.02 -40.82 4.91
N ILE B 349 -13.90 -40.91 4.18
CA ILE B 349 -13.83 -40.33 2.81
C ILE B 349 -14.91 -40.88 1.89
N GLU B 350 -15.02 -42.21 1.82
CA GLU B 350 -16.07 -42.86 1.02
C GLU B 350 -17.46 -42.39 1.44
N LYS B 351 -17.64 -42.13 2.74
CA LYS B 351 -18.91 -41.65 3.30
C LYS B 351 -19.28 -40.27 2.75
N MET B 352 -18.29 -39.39 2.65
CA MET B 352 -18.48 -38.03 2.11
C MET B 352 -18.84 -38.05 0.62
N ILE B 353 -18.11 -38.84 -0.17
CA ILE B 353 -18.38 -39.01 -1.61
C ILE B 353 -19.82 -39.47 -1.85
N ASN B 354 -20.34 -40.28 -0.92
CA ASN B 354 -21.74 -40.71 -0.93
C ASN B 354 -22.69 -39.54 -0.71
N ILE B 355 -22.35 -38.66 0.23
CA ILE B 355 -23.15 -37.49 0.56
C ILE B 355 -23.17 -36.48 -0.59
N ILE B 356 -22.01 -36.30 -1.24
CA ILE B 356 -21.88 -35.43 -2.41
C ILE B 356 -22.70 -35.95 -3.59
N LYS B 357 -22.70 -37.27 -3.78
CA LYS B 357 -23.52 -37.92 -4.80
C LYS B 357 -25.01 -37.96 -4.41
N GLU B 358 -25.29 -38.32 -3.15
CA GLU B 358 -26.67 -38.41 -2.63
C GLU B 358 -27.45 -37.10 -2.61
N HIS B 359 -26.72 -35.98 -2.55
CA HIS B 359 -27.33 -34.65 -2.70
C HIS B 359 -26.98 -34.03 -4.05
N LYS B 360 -26.25 -34.78 -4.87
CA LYS B 360 -25.93 -34.42 -6.27
C LYS B 360 -25.19 -33.08 -6.46
N ILE B 361 -24.16 -32.84 -5.65
CA ILE B 361 -23.29 -31.67 -5.82
C ILE B 361 -22.05 -32.06 -6.63
N GLU B 362 -21.48 -31.09 -7.35
CA GLU B 362 -20.27 -31.33 -8.15
C GLU B 362 -19.10 -31.74 -7.24
N LEU B 363 -18.53 -32.90 -7.56
CA LEU B 363 -17.48 -33.51 -6.73
C LEU B 363 -16.09 -32.99 -7.09
N PRO B 364 -15.26 -32.67 -6.07
CA PRO B 364 -13.91 -32.18 -6.32
C PRO B 364 -12.91 -33.28 -6.73
N ASN B 365 -12.18 -33.01 -7.81
CA ASN B 365 -11.11 -33.91 -8.26
C ASN B 365 -9.75 -33.22 -8.09
N PRO B 366 -8.81 -33.83 -7.33
CA PRO B 366 -8.92 -35.14 -6.65
C PRO B 366 -9.76 -35.08 -5.39
N PRO B 367 -10.41 -36.20 -5.02
CA PRO B 367 -11.18 -36.21 -3.78
C PRO B 367 -10.32 -36.50 -2.54
N THR B 368 -9.65 -35.46 -2.04
CA THR B 368 -8.96 -35.49 -0.75
C THR B 368 -9.92 -34.97 0.32
N ALA B 369 -9.73 -35.41 1.56
CA ALA B 369 -10.67 -35.13 2.66
C ALA B 369 -11.02 -33.63 2.83
N ALA B 370 -9.98 -32.81 3.01
CA ALA B 370 -10.14 -31.36 3.20
C ALA B 370 -10.88 -30.68 2.04
N LYS B 371 -10.69 -31.20 0.84
CA LYS B 371 -11.36 -30.69 -0.35
C LYS B 371 -12.82 -31.18 -0.42
N LEU B 372 -13.09 -32.33 0.19
CA LEU B 372 -14.45 -32.84 0.26
C LEU B 372 -15.25 -32.12 1.36
N LEU B 373 -14.57 -31.78 2.45
CA LEU B 373 -15.18 -31.01 3.54
C LEU B 373 -15.56 -29.61 3.08
N ASP B 374 -14.66 -28.97 2.34
CA ASP B 374 -14.90 -27.62 1.87
C ASP B 374 -16.14 -27.56 0.98
N GLN B 375 -16.26 -28.51 0.06
CA GLN B 375 -17.42 -28.59 -0.84
C GLN B 375 -18.72 -28.91 -0.08
N LEU B 376 -18.61 -29.74 0.96
CA LEU B 376 -19.74 -30.07 1.81
C LEU B 376 -20.21 -28.83 2.58
N ALA B 377 -19.28 -28.19 3.29
CA ALA B 377 -19.54 -26.93 3.98
C ALA B 377 -20.10 -25.90 3.02
N SER B 378 -19.50 -25.83 1.83
CA SER B 378 -19.88 -24.88 0.80
C SER B 378 -21.38 -24.97 0.47
N HIS B 379 -21.87 -26.20 0.35
CA HIS B 379 -23.29 -26.43 0.01
C HIS B 379 -24.25 -26.37 1.21
N PHE B 380 -23.84 -26.90 2.37
CA PHE B 380 -24.77 -27.03 3.48
C PHE B 380 -24.77 -25.85 4.45
N ILE B 381 -23.58 -25.33 4.74
CA ILE B 381 -23.42 -24.34 5.80
C ILE B 381 -23.41 -22.90 5.29
N GLU B 382 -22.73 -22.66 4.17
CA GLU B 382 -22.36 -21.30 3.74
C GLU B 382 -23.52 -20.40 3.34
N ASN B 383 -24.68 -21.02 3.12
CA ASN B 383 -25.91 -20.26 2.91
C ASN B 383 -26.92 -20.34 4.06
N LYS B 384 -26.40 -20.41 5.30
CA LYS B 384 -27.19 -20.46 6.54
C LYS B 384 -27.82 -19.10 6.85
N TYR B 385 -27.08 -18.04 6.60
CA TYR B 385 -27.57 -16.70 6.84
C TYR B 385 -27.10 -15.74 5.73
N ASN B 386 -28.00 -14.86 5.32
CA ASN B 386 -27.67 -13.77 4.40
C ASN B 386 -27.96 -12.43 5.05
N ASP B 387 -28.78 -12.45 6.11
CA ASP B 387 -29.23 -11.24 6.81
C ASP B 387 -28.22 -10.71 7.84
N LYS B 388 -27.29 -11.56 8.27
CA LYS B 388 -26.18 -11.11 9.08
C LYS B 388 -24.88 -11.82 8.69
N PRO B 389 -23.73 -11.22 8.98
CA PRO B 389 -22.51 -11.99 8.83
C PRO B 389 -22.43 -13.04 9.91
N PHE B 390 -21.82 -14.17 9.61
CA PHE B 390 -21.61 -15.22 10.61
C PHE B 390 -20.27 -15.91 10.43
N PHE B 391 -19.84 -16.59 11.49
CA PHE B 391 -18.59 -17.34 11.47
C PHE B 391 -18.82 -18.83 11.28
N ILE B 392 -17.91 -19.49 10.56
CA ILE B 392 -17.78 -20.94 10.59
C ILE B 392 -16.45 -21.25 11.27
N VAL B 393 -16.51 -21.95 12.40
CA VAL B 393 -15.35 -22.08 13.28
C VAL B 393 -14.85 -23.51 13.52
N GLU B 394 -13.63 -23.60 14.05
CA GLU B 394 -13.04 -24.85 14.54
C GLU B 394 -12.85 -25.90 13.44
N HIS B 395 -12.24 -25.48 12.34
CA HIS B 395 -11.98 -26.37 11.21
C HIS B 395 -10.98 -27.47 11.59
N PRO B 396 -11.17 -28.69 11.05
CA PRO B 396 -10.25 -29.79 11.29
C PRO B 396 -8.80 -29.46 10.91
N GLN B 397 -7.86 -29.97 11.72
CA GLN B 397 -6.44 -29.71 11.54
C GLN B 397 -5.94 -30.06 10.14
N ILE B 398 -6.68 -30.93 9.43
CA ILE B 398 -6.37 -31.31 8.05
C ILE B 398 -6.67 -30.23 7.01
N MET B 399 -7.63 -29.36 7.31
CA MET B 399 -7.92 -28.19 6.48
C MET B 399 -7.02 -26.99 6.82
N SER B 400 -6.32 -27.09 7.96
CA SER B 400 -5.74 -25.91 8.61
C SER B 400 -4.30 -26.13 9.08
N PRO B 401 -3.38 -26.35 8.13
CA PRO B 401 -2.00 -26.76 8.42
C PRO B 401 -1.18 -25.78 9.29
N LEU B 402 -1.41 -24.48 9.17
CA LEU B 402 -0.61 -23.53 9.96
C LEU B 402 -1.31 -23.06 11.26
N ALA B 403 -2.54 -23.52 11.49
CA ALA B 403 -3.34 -23.19 12.67
C ALA B 403 -3.07 -24.09 13.87
N LYS B 404 -3.01 -23.48 15.06
CA LYS B 404 -2.89 -24.22 16.33
C LYS B 404 -4.07 -25.16 16.54
N TYR B 405 -3.78 -26.34 17.08
CA TYR B 405 -4.82 -27.34 17.41
C TYR B 405 -5.78 -26.78 18.46
N HIS B 406 -7.05 -27.13 18.34
CA HIS B 406 -8.05 -26.73 19.34
C HIS B 406 -7.55 -27.23 20.70
N ARG B 407 -7.61 -26.37 21.71
CA ARG B 407 -7.11 -26.72 23.06
C ARG B 407 -7.98 -27.74 23.83
N THR B 408 -9.19 -28.01 23.34
CA THR B 408 -10.08 -28.98 23.97
C THR B 408 -10.70 -30.01 23.01
N LYS B 409 -10.92 -29.61 21.76
CA LYS B 409 -11.51 -30.52 20.78
C LYS B 409 -10.44 -31.16 19.87
N PRO B 410 -10.08 -32.43 20.13
CA PRO B 410 -8.98 -33.03 19.38
C PRO B 410 -9.34 -33.20 17.90
N GLY B 411 -8.38 -32.94 17.02
CA GLY B 411 -8.59 -33.06 15.59
C GLY B 411 -8.87 -31.73 14.90
N LEU B 412 -9.43 -30.78 15.65
CA LEU B 412 -9.81 -29.47 15.12
C LEU B 412 -8.79 -28.37 15.52
N THR B 413 -8.95 -27.18 14.93
CA THR B 413 -8.11 -26.02 15.19
C THR B 413 -8.94 -24.82 15.68
N GLU B 414 -8.25 -23.84 16.26
CA GLU B 414 -8.91 -22.61 16.71
C GLU B 414 -9.03 -21.62 15.54
N ARG B 415 -9.84 -21.99 14.54
CA ARG B 415 -9.90 -21.25 13.27
C ARG B 415 -11.28 -20.68 13.00
N LEU B 416 -11.30 -19.49 12.39
CA LEU B 416 -12.53 -18.83 11.97
C LEU B 416 -12.50 -18.34 10.52
N GLU B 417 -13.68 -18.42 9.90
CA GLU B 417 -13.98 -17.79 8.63
C GLU B 417 -15.29 -17.02 8.75
N MET B 418 -15.24 -15.70 8.51
CA MET B 418 -16.46 -14.86 8.47
C MET B 418 -17.08 -14.75 7.07
N PHE B 419 -18.40 -14.91 7.01
CA PHE B 419 -19.15 -14.90 5.75
C PHE B 419 -20.22 -13.81 5.70
N ILE B 420 -20.23 -13.08 4.59
CA ILE B 420 -21.28 -12.13 4.28
C ILE B 420 -21.93 -12.61 2.99
N CYS B 421 -23.25 -12.65 2.94
CA CYS B 421 -23.97 -13.23 1.82
C CYS B 421 -23.26 -14.44 1.20
N GLY B 422 -22.97 -15.45 2.02
CA GLY B 422 -22.41 -16.70 1.50
C GLY B 422 -20.96 -16.68 0.99
N LYS B 423 -20.35 -15.50 0.90
CA LYS B 423 -18.97 -15.36 0.43
C LYS B 423 -18.01 -15.03 1.58
N GLU B 424 -16.81 -15.62 1.53
CA GLU B 424 -15.82 -15.51 2.59
C GLU B 424 -15.03 -14.19 2.49
N VAL B 425 -14.99 -13.46 3.59
CA VAL B 425 -14.29 -12.17 3.63
C VAL B 425 -13.17 -12.11 4.66
N LEU B 426 -13.12 -13.08 5.56
CA LEU B 426 -12.16 -13.04 6.66
C LEU B 426 -11.80 -14.46 7.07
N ASN B 427 -10.56 -14.63 7.51
CA ASN B 427 -10.03 -15.91 7.88
C ASN B 427 -8.92 -15.66 8.88
N ALA B 428 -9.09 -16.20 10.08
CA ALA B 428 -8.12 -16.01 11.14
C ALA B 428 -8.05 -17.29 11.93
N TYR B 429 -7.06 -17.36 12.82
CA TYR B 429 -6.86 -18.51 13.71
C TYR B 429 -5.70 -18.28 14.67
N THR B 430 -5.60 -19.13 15.69
CA THR B 430 -4.45 -19.11 16.59
C THR B 430 -3.31 -19.75 15.81
N GLU B 431 -2.15 -19.11 15.80
CA GLU B 431 -1.02 -19.61 15.03
C GLU B 431 -0.33 -20.76 15.73
N LEU B 432 -0.18 -21.88 15.02
CA LEU B 432 0.67 -22.97 15.49
C LEU B 432 2.06 -22.39 15.65
N ASN B 433 2.62 -22.50 16.85
CA ASN B 433 3.92 -21.88 17.15
C ASN B 433 4.99 -22.82 17.68
N ASP B 434 4.62 -24.09 17.85
CA ASP B 434 5.52 -25.15 18.30
C ASP B 434 6.09 -25.87 17.07
N PRO B 435 7.39 -25.66 16.79
CA PRO B 435 7.98 -26.08 15.50
C PRO B 435 7.91 -27.59 15.30
N PHE B 436 7.83 -28.32 16.42
CA PHE B 436 7.71 -29.77 16.41
C PHE B 436 6.39 -30.19 15.77
N LYS B 437 5.30 -29.57 16.22
CA LYS B 437 3.95 -29.90 15.74
C LYS B 437 3.69 -29.44 14.29
N GLN B 438 4.61 -28.65 13.73
CA GLN B 438 4.54 -28.26 12.31
C GLN B 438 5.11 -29.37 11.42
N LYS B 439 4.23 -30.26 10.97
CA LYS B 439 4.64 -31.39 10.14
C LYS B 439 4.62 -31.00 8.66
N LEU B 459 6.07 -24.98 1.84
CA LEU B 459 6.61 -24.15 2.91
C LEU B 459 8.14 -24.01 2.81
N ASP B 460 8.70 -23.17 3.68
CA ASP B 460 10.06 -22.68 3.55
C ASP B 460 10.99 -23.26 4.61
N SER B 461 12.29 -23.26 4.29
CA SER B 461 13.34 -23.60 5.26
C SER B 461 13.55 -22.43 6.22
N ALA B 462 13.55 -21.21 5.66
CA ALA B 462 13.73 -19.99 6.46
C ALA B 462 12.62 -19.83 7.47
N PHE B 463 11.38 -20.09 7.04
CA PHE B 463 10.20 -19.99 7.89
C PHE B 463 10.26 -20.96 9.05
N CYS B 464 10.46 -22.23 8.74
CA CYS B 464 10.54 -23.23 9.79
C CYS B 464 11.71 -22.93 10.72
N THR B 465 12.80 -22.35 10.19
CA THR B 465 13.95 -21.98 11.04
C THR B 465 13.55 -20.90 12.05
N SER B 466 12.75 -19.92 11.60
CA SER B 466 12.27 -18.87 12.49
C SER B 466 11.46 -19.43 13.67
N LEU B 467 10.53 -20.34 13.38
CA LEU B 467 9.77 -21.07 14.42
C LEU B 467 10.67 -21.58 15.56
N GLU B 468 11.85 -22.04 15.17
CA GLU B 468 12.80 -22.66 16.10
C GLU B 468 13.43 -21.63 17.01
N TYR B 469 13.31 -20.35 16.64
CA TYR B 469 13.82 -19.28 17.47
C TYR B 469 12.76 -18.75 18.46
N GLY B 470 11.56 -19.33 18.38
CA GLY B 470 10.50 -19.03 19.32
C GLY B 470 9.47 -18.02 18.83
N LEU B 471 8.31 -18.54 18.40
CA LEU B 471 7.16 -17.71 18.05
C LEU B 471 6.20 -17.71 19.24
N PRO B 472 5.96 -16.52 19.84
CA PRO B 472 5.08 -16.43 21.01
C PRO B 472 3.65 -16.78 20.62
N PRO B 473 2.74 -16.98 21.61
CA PRO B 473 1.36 -17.30 21.25
C PRO B 473 0.86 -16.17 20.40
N THR B 474 0.35 -16.50 19.21
CA THR B 474 0.00 -15.48 18.26
C THR B 474 -1.37 -15.76 17.65
N GLY B 475 -2.12 -14.71 17.39
CA GLY B 475 -3.35 -14.83 16.64
C GLY B 475 -3.22 -13.96 15.42
N GLY B 476 -3.60 -14.50 14.27
CA GLY B 476 -3.49 -13.79 13.02
C GLY B 476 -4.77 -13.82 12.24
N LEU B 477 -4.98 -12.79 11.43
CA LEU B 477 -6.19 -12.63 10.63
C LEU B 477 -5.90 -12.06 9.22
N GLY B 478 -6.79 -12.38 8.26
CA GLY B 478 -6.71 -11.79 6.94
C GLY B 478 -8.06 -11.34 6.39
N LEU B 479 -8.08 -10.18 5.74
CA LEU B 479 -9.31 -9.64 5.17
C LEU B 479 -9.30 -9.62 3.66
N GLY B 480 -10.48 -9.88 3.07
CA GLY B 480 -10.67 -9.82 1.63
C GLY B 480 -11.21 -8.47 1.19
N ILE B 481 -10.34 -7.46 1.24
CA ILE B 481 -10.68 -6.07 0.96
C ILE B 481 -11.73 -5.89 -0.14
N ASP B 482 -11.54 -6.56 -1.27
CA ASP B 482 -12.34 -6.29 -2.45
C ASP B 482 -13.75 -6.82 -2.26
N ARG B 483 -13.86 -7.94 -1.58
CA ARG B 483 -15.17 -8.51 -1.27
C ARG B 483 -15.91 -7.68 -0.23
N ILE B 484 -15.18 -7.23 0.77
CA ILE B 484 -15.71 -6.27 1.72
C ILE B 484 -16.19 -5.01 0.99
N THR B 485 -15.39 -4.54 0.04
CA THR B 485 -15.76 -3.33 -0.74
C THR B 485 -17.01 -3.56 -1.58
N MET B 486 -17.15 -4.75 -2.13
CA MET B 486 -18.31 -5.10 -2.92
C MET B 486 -19.57 -4.98 -2.10
N PHE B 487 -19.51 -5.46 -0.86
CA PHE B 487 -20.70 -5.52 -0.02
C PHE B 487 -21.11 -4.15 0.50
N LEU B 488 -20.11 -3.32 0.80
CA LEU B 488 -20.37 -1.97 1.31
C LEU B 488 -20.62 -0.92 0.22
N THR B 489 -20.59 -1.35 -1.04
CA THR B 489 -20.89 -0.48 -2.18
C THR B 489 -21.96 -1.13 -3.06
N ASN B 490 -22.55 -2.21 -2.54
CA ASN B 490 -23.72 -2.81 -3.19
C ASN B 490 -23.41 -3.20 -4.64
N LYS B 491 -22.37 -4.01 -4.80
CA LYS B 491 -21.93 -4.48 -6.12
C LYS B 491 -21.98 -6.00 -6.21
N ASN B 492 -22.32 -6.48 -7.40
CA ASN B 492 -22.40 -7.90 -7.64
C ASN B 492 -21.09 -8.46 -8.11
N SER B 493 -20.30 -7.62 -8.76
CA SER B 493 -19.09 -8.08 -9.43
C SER B 493 -17.88 -7.42 -8.80
N ILE B 494 -16.88 -8.21 -8.46
CA ILE B 494 -15.57 -7.70 -7.99
C ILE B 494 -14.96 -6.71 -8.98
N LYS B 495 -15.23 -6.90 -10.26
CA LYS B 495 -14.70 -6.01 -11.28
C LYS B 495 -15.15 -4.54 -11.10
N ASP B 496 -16.28 -4.36 -10.39
CA ASP B 496 -16.89 -3.04 -10.15
C ASP B 496 -16.13 -2.25 -9.11
N VAL B 497 -15.42 -2.93 -8.23
CA VAL B 497 -14.76 -2.22 -7.12
C VAL B 497 -13.24 -2.25 -7.26
N ILE B 498 -12.78 -2.68 -8.44
CA ILE B 498 -11.37 -2.55 -8.85
C ILE B 498 -11.31 -1.60 -10.03
N LEU B 499 -10.39 -0.64 -9.97
CA LEU B 499 -10.35 0.45 -10.92
C LEU B 499 -10.15 -0.03 -12.36
N PHE B 500 -9.07 -0.77 -12.58
CA PHE B 500 -8.80 -1.31 -13.88
C PHE B 500 -8.69 -2.83 -13.77
N PRO B 501 -9.83 -3.54 -13.75
CA PRO B 501 -9.75 -4.99 -13.59
C PRO B 501 -8.97 -5.61 -14.74
N THR B 502 -8.32 -6.75 -14.48
CA THR B 502 -7.49 -7.43 -15.49
C THR B 502 -8.39 -8.16 -16.49
N MET B 503 -8.43 -7.64 -17.71
CA MET B 503 -9.41 -8.06 -18.73
C MET B 503 -8.77 -8.60 -20.01
N ARG B 504 -9.50 -9.46 -20.73
CA ARG B 504 -9.04 -9.96 -22.02
C ARG B 504 -9.08 -8.82 -23.05
N PRO B 505 -8.07 -8.76 -23.94
CA PRO B 505 -8.09 -7.76 -25.03
C PRO B 505 -9.11 -8.12 -26.09
N LYS C . 7.03 7.33 -13.58
CA LYS C . 8.14 8.20 -13.28
C LYS C . 9.29 7.31 -13.01
O LYS C . 9.17 6.11 -13.31
CB LYS C . 7.85 9.08 -12.06
CG LYS C . 6.79 10.16 -12.30
CD LYS C . 7.33 11.36 -13.04
CE LYS C . 6.23 12.35 -13.38
NZ LYS C . 5.15 11.76 -14.22
OXT LYS C . 10.32 7.72 -12.49
C15 9CF D . 13.46 8.02 -8.27
C14 9CF D . 12.06 8.49 -7.99
C13 9CF D . 11.06 7.88 -8.96
C12 9CF D . 11.11 6.38 -8.80
C16 9CF D . 10.18 5.76 -9.84
O5 9CF D . 12.43 5.92 -9.08
C11 9CF D . 13.52 6.50 -8.36
C10 9CF D . 14.69 6.18 -9.28
C7 9CF D . 15.52 4.98 -8.80
C6 9CF D . 15.40 3.91 -9.87
O3 9CF D . 15.02 4.56 -7.51
C8 9CF D . 15.53 3.38 -7.06
O4 9CF D . 15.93 3.23 -5.90
C9 9CF D . 15.57 2.34 -8.00
C5 9CF D . 15.51 2.62 -9.37
C4 9CF D . 15.55 1.58 -10.29
C3 9CF D . 15.65 0.27 -9.86
O2 9CF D . 15.69 -0.71 -10.79
C2 9CF D . 15.70 -0.03 -8.51
C1 9CF D . 15.66 1.01 -7.59
O1 9CF D . 15.71 0.79 -6.25
N LYS E . -3.33 -16.29 4.85
CA LYS E . -4.75 -16.50 5.17
C LYS E . -5.60 -16.64 3.92
O LYS E . -5.31 -16.11 2.87
CB LYS E . -5.29 -15.34 6.03
CG LYS E . -4.68 -15.21 7.43
CD LYS E . -4.94 -16.44 8.28
CE LYS E . -4.29 -16.33 9.63
NZ LYS E . -2.81 -16.52 9.61
OXT LYS E . -6.64 -17.29 3.94
C15 9CF F . -11.01 -14.32 2.55
C14 9CF F . -10.24 -13.56 3.65
C13 9CF F . -8.75 -13.66 3.51
C12 9CF F . -8.35 -13.26 2.07
C16 9CF F . -6.82 -13.22 2.01
O5 9CF F . -8.94 -14.20 1.05
C11 9CF F . -10.41 -14.14 1.10
C10 9CF F . -10.97 -15.26 0.22
C7 9CF F . -10.98 -14.88 -1.27
C6 9CF F . -10.03 -15.80 -2.06
O3 9CF F . -10.63 -13.51 -1.53
C8 9CF F . -10.95 -13.25 -2.83
O4 9CF F . -11.86 -12.48 -3.15
C9 9CF F . -10.25 -14.03 -3.77
C5 9CF F . -9.81 -15.31 -3.36
C4 9CF F . -9.12 -16.13 -4.25
C3 9CF F . -8.85 -15.72 -5.56
O2 9CF F . -8.16 -16.56 -6.37
C2 9CF F . -9.27 -14.45 -5.98
C1 9CF F . -9.97 -13.61 -5.09
O1 9CF F . -10.41 -12.36 -5.48
#